data_3ZNQ
#
_entry.id   3ZNQ
#
_cell.length_a   84.471
_cell.length_b   84.471
_cell.length_c   188.672
_cell.angle_alpha   90.00
_cell.angle_beta   90.00
_cell.angle_gamma   120.00
#
_symmetry.space_group_name_H-M   'P 32 2 1'
#
loop_
_entity.id
_entity.type
_entity.pdbx_description
1 polymer 'D-AMINO-ACID OXIDASE'
2 non-polymer 'FLAVIN-ADENINE DINUCLEOTIDE'
3 non-polymer '3-PHENETHYL-4H-FURO[3,2-B]PYRROLE-5-CARBOXYLIC ACID'
4 water water
#
_entity_poly.entity_id   1
_entity_poly.type   'polypeptide(L)'
_entity_poly.pdbx_seq_one_letter_code
;MRVVVIGAGVIGLSTALCIHERYHSVLQPLDIKVYADRFTPLTTTDVAAGLWQPYLSDPNNPQEADWSQQTFDYLLSHVH
SPNAENLGLFLISGYNLFHEAIPDPSWKDTVLGFRKLTPRELDMFPDYGYGWFHTSLILEGKNYLQWLTERLTERGVKFF
QRKVESFEEVAREGADVIVNCTGVWAGALQRDPLLQPGRGQIMKVDAPWMKHFILTHDPERGIYNSPYIIPGTQTVTLGG
IFQLGNWSELNNIQDHNTIWEGCCRLEPTLKNARIIGERTGFRPVRPQIRLEREQLRTGPSNTEVIHNYGHGGYGLTIHW
GCALEAAKLFGRILEEKKLSRMPPSHL
;
_entity_poly.pdbx_strand_id   A,B
#
loop_
_chem_comp.id
_chem_comp.type
_chem_comp.name
_chem_comp.formula
FAD non-polymer 'FLAVIN-ADENINE DINUCLEOTIDE' 'C27 H33 N9 O15 P2'
SS8 non-polymer '3-PHENETHYL-4H-FURO[3,2-B]PYRROLE-5-CARBOXYLIC ACID' 'C15 H11 N O3'
#
# COMPACT_ATOMS: atom_id res chain seq x y z
N MET A 1 1.80 -11.36 32.50
CA MET A 1 2.85 -11.78 31.58
C MET A 1 2.61 -11.24 30.14
N ARG A 2 1.97 -10.06 30.02
CA ARG A 2 1.64 -9.43 28.74
C ARG A 2 2.80 -8.71 28.05
N VAL A 3 2.94 -8.90 26.72
CA VAL A 3 4.01 -8.30 25.91
C VAL A 3 3.48 -7.70 24.61
N VAL A 4 3.94 -6.50 24.29
CA VAL A 4 3.54 -5.79 23.07
C VAL A 4 4.70 -5.71 22.09
N VAL A 5 4.45 -6.09 20.84
CA VAL A 5 5.44 -5.98 19.76
C VAL A 5 4.94 -4.81 18.89
N ILE A 6 5.79 -3.79 18.66
CA ILE A 6 5.41 -2.65 17.82
C ILE A 6 5.99 -2.84 16.42
N GLY A 7 5.11 -2.95 15.41
CA GLY A 7 5.48 -3.15 14.01
C GLY A 7 5.07 -4.49 13.45
N ALA A 8 4.56 -4.50 12.20
CA ALA A 8 4.12 -5.73 11.55
C ALA A 8 4.92 -6.13 10.29
N GLY A 9 6.19 -5.71 10.23
CA GLY A 9 7.07 -6.08 9.14
C GLY A 9 7.62 -7.47 9.37
N VAL A 10 8.64 -7.87 8.62
CA VAL A 10 9.27 -9.19 8.79
C VAL A 10 9.89 -9.37 10.18
N ILE A 11 10.33 -8.24 10.79
CA ILE A 11 10.97 -8.24 12.09
C ILE A 11 9.93 -8.45 13.19
N GLY A 12 8.96 -7.57 13.28
CA GLY A 12 7.88 -7.66 14.25
C GLY A 12 7.13 -8.98 14.23
N LEU A 13 6.79 -9.49 13.04
CA LEU A 13 6.05 -10.74 12.95
C LEU A 13 6.83 -12.01 13.30
N SER A 14 8.09 -12.14 12.84
CA SER A 14 8.94 -13.30 13.14
C SER A 14 9.38 -13.31 14.60
N THR A 15 9.62 -12.12 15.17
CA THR A 15 9.99 -11.95 16.59
C THR A 15 8.82 -12.44 17.45
N ALA A 16 7.58 -11.95 17.18
CA ALA A 16 6.38 -12.35 17.89
C ALA A 16 6.12 -13.87 17.79
N LEU A 17 6.40 -14.48 16.63
CA LEU A 17 6.25 -15.91 16.40
C LEU A 17 7.32 -16.71 17.20
N CYS A 18 8.59 -16.25 17.16
CA CYS A 18 9.72 -16.85 17.84
C CYS A 18 9.53 -16.95 19.34
N ILE A 19 9.13 -15.82 19.98
CA ILE A 19 8.88 -15.68 21.42
C ILE A 19 7.79 -16.68 21.82
N HIS A 20 6.74 -16.77 21.05
CA HIS A 20 5.71 -17.70 21.35
C HIS A 20 6.34 -19.09 21.42
N GLU A 21 6.67 -19.67 20.28
CA GLU A 21 7.22 -21.00 20.25
C GLU A 21 8.43 -21.20 21.14
N ARG A 22 8.74 -20.24 22.00
CA ARG A 22 9.88 -20.44 22.88
C ARG A 22 9.43 -20.22 24.30
N TYR A 23 8.25 -19.63 24.43
CA TYR A 23 7.58 -19.41 25.71
C TYR A 23 6.06 -19.38 25.51
N HIS A 24 5.46 -20.56 25.47
CA HIS A 24 4.03 -20.76 25.25
C HIS A 24 3.49 -21.82 26.21
N SER A 25 4.35 -22.81 26.56
CA SER A 25 4.09 -23.96 27.46
C SER A 25 3.27 -23.62 28.72
N VAL A 26 2.38 -24.56 29.12
CA VAL A 26 1.44 -24.50 30.25
C VAL A 26 1.96 -23.73 31.48
N LEU A 27 3.18 -24.07 31.96
CA LEU A 27 3.85 -23.45 33.11
C LEU A 27 4.14 -21.95 32.91
N GLN A 28 4.34 -21.52 31.64
CA GLN A 28 4.61 -20.12 31.26
C GLN A 28 3.41 -19.51 30.48
N PRO A 29 2.38 -18.94 31.18
CA PRO A 29 1.25 -18.35 30.43
C PRO A 29 1.66 -17.04 29.78
N LEU A 30 1.56 -16.94 28.45
CA LEU A 30 2.02 -15.77 27.70
C LEU A 30 0.92 -15.03 26.94
N ASP A 31 0.84 -13.71 27.17
CA ASP A 31 -0.05 -12.86 26.39
C ASP A 31 0.70 -11.85 25.53
N ILE A 32 0.37 -11.89 24.25
CA ILE A 32 1.06 -11.11 23.24
C ILE A 32 0.11 -10.50 22.22
N LYS A 33 0.30 -9.21 21.95
CA LYS A 33 -0.45 -8.46 20.95
C LYS A 33 0.51 -7.61 20.11
N VAL A 34 0.18 -7.37 18.84
CA VAL A 34 1.02 -6.60 17.94
C VAL A 34 0.35 -5.26 17.56
N TYR A 35 1.11 -4.16 17.74
CA TYR A 35 0.70 -2.80 17.40
C TYR A 35 1.46 -2.34 16.16
N ALA A 36 0.73 -1.89 15.12
CA ALA A 36 1.36 -1.42 13.90
C ALA A 36 0.53 -0.37 13.16
N ASP A 37 1.21 0.65 12.62
CA ASP A 37 0.59 1.73 11.85
C ASP A 37 0.21 1.24 10.44
N ARG A 38 1.03 0.34 9.88
CA ARG A 38 0.78 -0.25 8.56
C ARG A 38 1.02 -1.76 8.54
N PHE A 39 0.15 -2.48 7.82
CA PHE A 39 0.16 -3.94 7.66
C PHE A 39 0.24 -4.26 6.16
N THR A 40 0.52 -5.54 5.80
CA THR A 40 0.59 -5.99 4.40
C THR A 40 -0.63 -5.55 3.54
N PRO A 41 -0.45 -4.97 2.32
CA PRO A 41 0.80 -4.83 1.54
C PRO A 41 1.44 -3.42 1.53
N LEU A 42 1.39 -2.72 2.68
CA LEU A 42 1.88 -1.34 2.82
C LEU A 42 3.21 -1.15 3.59
N THR A 43 3.87 -2.25 4.01
CA THR A 43 5.13 -2.16 4.77
C THR A 43 6.34 -2.12 3.82
N THR A 44 7.57 -1.94 4.36
CA THR A 44 8.80 -1.94 3.56
C THR A 44 9.02 -3.35 3.05
N THR A 45 8.71 -4.36 3.89
CA THR A 45 8.82 -5.80 3.63
C THR A 45 8.05 -6.18 2.37
N ASP A 46 6.92 -5.52 2.12
CA ASP A 46 6.07 -5.74 0.96
C ASP A 46 6.73 -5.24 -0.33
N VAL A 47 7.66 -4.27 -0.22
CA VAL A 47 8.40 -3.68 -1.35
C VAL A 47 9.64 -4.57 -1.71
N ALA A 48 10.25 -5.19 -0.71
CA ALA A 48 11.41 -6.07 -0.88
C ALA A 48 11.13 -7.33 -1.74
N ALA A 49 12.03 -7.61 -2.71
CA ALA A 49 11.95 -8.76 -3.62
C ALA A 49 12.10 -10.08 -2.86
N GLY A 50 12.91 -10.07 -1.82
CA GLY A 50 13.11 -11.22 -0.94
C GLY A 50 14.31 -12.11 -1.23
N LEU A 51 15.28 -11.63 -2.02
CA LEU A 51 16.47 -12.43 -2.31
C LEU A 51 17.35 -12.57 -1.08
N TRP A 52 17.80 -13.79 -0.79
CA TRP A 52 18.71 -14.01 0.31
C TRP A 52 20.10 -13.68 -0.18
N GLN A 53 20.70 -12.65 0.40
CA GLN A 53 22.07 -12.24 0.13
C GLN A 53 22.57 -11.20 1.12
N PRO A 54 23.58 -11.53 1.96
CA PRO A 54 24.13 -10.53 2.87
C PRO A 54 24.90 -9.43 2.12
N TYR A 55 25.24 -8.31 2.81
CA TYR A 55 25.94 -7.13 2.26
C TYR A 55 27.27 -7.30 1.49
N LEU A 56 27.87 -8.52 1.50
CA LEU A 56 29.00 -9.00 0.71
C LEU A 56 30.53 -8.75 0.86
N SER A 57 30.89 -7.89 1.84
CA SER A 57 32.15 -7.81 2.57
C SER A 57 32.05 -8.20 4.06
N ASP A 58 33.18 -8.30 4.75
CA ASP A 58 33.22 -8.71 6.17
C ASP A 58 32.39 -7.78 7.03
N PRO A 59 31.38 -8.31 7.70
CA PRO A 59 30.52 -7.43 8.51
C PRO A 59 31.21 -6.88 9.76
N ASN A 60 30.88 -5.62 10.13
CA ASN A 60 31.40 -4.89 11.31
C ASN A 60 31.06 -5.62 12.62
N ASN A 61 29.94 -6.36 12.59
CA ASN A 61 29.44 -7.20 13.67
C ASN A 61 29.44 -8.63 13.11
N PRO A 62 30.34 -9.53 13.60
CA PRO A 62 30.38 -10.91 13.07
C PRO A 62 29.15 -11.74 13.47
N GLN A 63 28.36 -11.21 14.41
CA GLN A 63 27.16 -11.86 14.80
C GLN A 63 26.29 -12.03 13.59
N GLU A 64 25.98 -10.92 12.97
CA GLU A 64 25.09 -10.85 11.81
C GLU A 64 25.27 -12.01 10.82
N ALA A 65 26.53 -12.32 10.46
CA ALA A 65 26.91 -13.41 9.54
C ALA A 65 26.27 -14.77 9.92
N ASP A 66 26.25 -15.09 11.23
CA ASP A 66 25.65 -16.32 11.75
C ASP A 66 24.13 -16.26 11.67
N TRP A 67 23.54 -15.06 11.89
CA TRP A 67 22.09 -14.83 11.82
C TRP A 67 21.60 -14.99 10.39
N SER A 68 22.43 -14.61 9.40
CA SER A 68 22.15 -14.73 7.97
C SER A 68 22.18 -16.21 7.61
N GLN A 69 23.20 -16.94 8.11
CA GLN A 69 23.35 -18.39 7.91
C GLN A 69 22.18 -19.15 8.56
N GLN A 70 21.75 -18.74 9.77
CA GLN A 70 20.63 -19.32 10.49
C GLN A 70 19.34 -19.17 9.68
N THR A 71 19.15 -18.00 9.01
CA THR A 71 17.98 -17.75 8.20
C THR A 71 17.97 -18.65 6.95
N PHE A 72 19.12 -18.74 6.24
CA PHE A 72 19.25 -19.58 5.06
C PHE A 72 18.94 -21.04 5.35
N ASP A 73 19.56 -21.61 6.40
CA ASP A 73 19.37 -23.01 6.78
C ASP A 73 17.91 -23.29 7.11
N TYR A 74 17.27 -22.38 7.87
CA TYR A 74 15.85 -22.46 8.23
C TYR A 74 14.99 -22.45 6.96
N LEU A 75 15.27 -21.53 6.02
CA LEU A 75 14.51 -21.44 4.79
C LEU A 75 14.76 -22.60 3.83
N LEU A 76 16.02 -23.08 3.71
CA LEU A 76 16.39 -24.23 2.85
C LEU A 76 15.77 -25.53 3.36
N SER A 77 15.49 -25.63 4.67
CA SER A 77 14.87 -26.81 5.27
C SER A 77 13.35 -26.80 5.04
N HIS A 78 12.87 -25.75 4.38
CA HIS A 78 11.48 -25.55 4.12
C HIS A 78 11.17 -25.54 2.65
N VAL A 79 12.15 -25.15 1.87
CA VAL A 79 12.01 -24.93 0.42
C VAL A 79 11.31 -26.06 -0.36
N HIS A 80 11.38 -27.32 0.14
CA HIS A 80 10.77 -28.49 -0.52
C HIS A 80 9.60 -29.14 0.24
N SER A 81 8.76 -28.30 0.86
CA SER A 81 7.54 -28.75 1.54
C SER A 81 6.39 -28.29 0.63
N PRO A 82 5.20 -28.94 0.59
CA PRO A 82 4.14 -28.43 -0.30
C PRO A 82 3.56 -27.07 0.11
N ASN A 83 3.88 -26.63 1.35
CA ASN A 83 3.43 -25.38 1.95
C ASN A 83 4.32 -24.17 1.59
N ALA A 84 5.51 -24.43 1.00
CA ALA A 84 6.52 -23.41 0.61
C ALA A 84 6.01 -22.29 -0.29
N GLU A 85 4.97 -22.55 -1.09
CA GLU A 85 4.37 -21.54 -1.97
C GLU A 85 3.48 -20.54 -1.19
N ASN A 86 3.14 -20.86 0.03
CA ASN A 86 2.30 -19.95 0.80
C ASN A 86 3.09 -18.89 1.51
N LEU A 87 4.35 -19.15 1.76
CA LEU A 87 5.28 -18.14 2.30
C LEU A 87 6.13 -17.47 1.22
N GLY A 88 5.85 -17.82 -0.04
CA GLY A 88 6.53 -17.28 -1.22
C GLY A 88 8.00 -17.60 -1.22
N LEU A 89 8.34 -18.86 -0.85
CA LEU A 89 9.69 -19.40 -0.75
C LEU A 89 9.95 -20.32 -1.93
N PHE A 90 11.03 -20.04 -2.67
CA PHE A 90 11.50 -20.83 -3.79
C PHE A 90 12.97 -20.61 -4.02
N LEU A 91 13.56 -21.53 -4.76
CA LEU A 91 14.98 -21.59 -5.09
C LEU A 91 15.25 -20.85 -6.40
N ILE A 92 16.23 -19.94 -6.37
CA ILE A 92 16.64 -19.18 -7.54
C ILE A 92 18.15 -19.13 -7.70
N SER A 93 18.64 -19.32 -8.93
CA SER A 93 20.05 -19.25 -9.30
C SER A 93 20.28 -17.90 -9.96
N GLY A 94 21.53 -17.46 -10.00
CA GLY A 94 21.79 -16.18 -10.63
C GLY A 94 23.20 -15.67 -10.60
N TYR A 95 23.36 -14.50 -11.19
CA TYR A 95 24.60 -13.79 -11.42
C TYR A 95 24.77 -12.62 -10.49
N ASN A 96 26.01 -12.40 -10.05
CA ASN A 96 26.49 -11.26 -9.28
C ASN A 96 27.65 -10.77 -10.12
N LEU A 97 27.53 -9.58 -10.78
CA LEU A 97 28.55 -9.07 -11.70
C LEU A 97 29.36 -7.92 -11.12
N PHE A 98 30.65 -7.88 -11.51
CA PHE A 98 31.64 -6.91 -11.02
C PHE A 98 32.52 -6.37 -12.15
N HIS A 99 33.12 -5.19 -11.93
CA HIS A 99 34.05 -4.56 -12.87
C HIS A 99 35.46 -5.05 -12.65
N GLU A 100 35.78 -5.40 -11.39
CA GLU A 100 37.10 -5.86 -10.99
C GLU A 100 36.99 -7.12 -10.13
N ALA A 101 38.09 -7.88 -10.02
CA ALA A 101 38.17 -9.10 -9.22
C ALA A 101 38.10 -8.79 -7.73
N ILE A 102 37.01 -9.23 -7.09
CA ILE A 102 36.82 -9.05 -5.65
C ILE A 102 36.95 -10.42 -4.97
N PRO A 103 37.34 -10.51 -3.67
CA PRO A 103 37.43 -11.84 -3.03
C PRO A 103 36.06 -12.49 -2.90
N ASP A 104 36.04 -13.82 -2.88
CA ASP A 104 34.81 -14.60 -2.72
C ASP A 104 34.11 -14.21 -1.40
N PRO A 105 32.77 -14.24 -1.27
CA PRO A 105 32.16 -13.77 -0.02
C PRO A 105 32.28 -14.74 1.16
N SER A 106 31.82 -14.31 2.34
CA SER A 106 31.84 -15.14 3.56
C SER A 106 30.82 -16.27 3.39
N TRP A 107 29.65 -15.91 2.88
CA TRP A 107 28.51 -16.77 2.62
C TRP A 107 28.66 -17.68 1.39
N LYS A 108 29.89 -17.84 0.93
CA LYS A 108 30.19 -18.65 -0.24
C LYS A 108 29.76 -20.08 -0.09
N ASP A 109 29.90 -20.61 1.11
CA ASP A 109 29.52 -21.98 1.33
C ASP A 109 28.18 -22.10 1.99
N THR A 110 27.56 -20.98 2.31
CA THR A 110 26.18 -20.92 2.86
C THR A 110 25.23 -21.16 1.71
N VAL A 111 25.48 -20.50 0.55
CA VAL A 111 24.71 -20.63 -0.68
C VAL A 111 24.96 -22.00 -1.35
N LEU A 112 24.18 -22.31 -2.40
CA LEU A 112 24.31 -23.57 -3.14
C LEU A 112 25.05 -23.35 -4.45
N GLY A 113 25.98 -24.24 -4.73
CA GLY A 113 26.77 -24.25 -5.95
C GLY A 113 27.47 -22.98 -6.35
N PHE A 114 27.99 -22.26 -5.37
CA PHE A 114 28.73 -21.05 -5.63
C PHE A 114 29.95 -21.35 -6.49
N ARG A 115 30.21 -20.47 -7.46
CA ARG A 115 31.35 -20.54 -8.36
C ARG A 115 31.59 -19.19 -9.03
N LYS A 116 32.76 -19.05 -9.65
CA LYS A 116 33.11 -17.83 -10.36
C LYS A 116 32.75 -17.97 -11.83
N LEU A 117 32.09 -16.95 -12.39
CA LEU A 117 31.68 -16.93 -13.79
C LEU A 117 32.82 -17.21 -14.78
N THR A 118 32.51 -18.03 -15.81
CA THR A 118 33.40 -18.45 -16.88
C THR A 118 33.50 -17.31 -17.91
N PRO A 119 34.58 -17.21 -18.75
CA PRO A 119 34.64 -16.09 -19.72
C PRO A 119 33.45 -16.00 -20.68
N ARG A 120 32.90 -17.17 -21.09
CA ARG A 120 31.76 -17.26 -22.00
C ARG A 120 30.45 -16.76 -21.37
N GLU A 121 30.28 -16.96 -20.05
CA GLU A 121 29.13 -16.47 -19.32
C GLU A 121 29.29 -14.97 -19.13
N LEU A 122 30.52 -14.52 -18.90
CA LEU A 122 30.86 -13.10 -18.73
C LEU A 122 30.71 -12.33 -20.03
N ASP A 123 30.80 -13.03 -21.18
CA ASP A 123 30.63 -12.41 -22.48
C ASP A 123 29.15 -12.04 -22.80
N MET A 124 28.20 -12.44 -21.91
CA MET A 124 26.76 -12.14 -22.03
C MET A 124 26.41 -10.80 -21.36
N PHE A 125 27.35 -10.27 -20.54
CA PHE A 125 27.24 -9.01 -19.78
C PHE A 125 28.46 -8.13 -20.13
N PRO A 126 28.32 -7.19 -21.10
CA PRO A 126 29.49 -6.49 -21.60
C PRO A 126 30.02 -5.26 -20.87
N ASP A 127 29.56 -5.00 -19.65
CA ASP A 127 30.12 -3.87 -18.90
C ASP A 127 30.90 -4.38 -17.68
N TYR A 128 30.74 -5.70 -17.40
CA TYR A 128 31.29 -6.42 -16.26
C TYR A 128 32.23 -7.53 -16.73
N GLY A 129 33.37 -7.67 -16.05
CA GLY A 129 34.39 -8.65 -16.44
C GLY A 129 34.77 -9.73 -15.44
N TYR A 130 34.15 -9.70 -14.26
CA TYR A 130 34.32 -10.67 -13.20
C TYR A 130 32.91 -10.95 -12.65
N GLY A 131 32.75 -12.00 -11.89
CA GLY A 131 31.45 -12.30 -11.30
C GLY A 131 31.28 -13.67 -10.69
N TRP A 132 30.14 -13.88 -10.06
CA TRP A 132 29.81 -15.16 -9.47
C TRP A 132 28.47 -15.65 -9.96
N PHE A 133 28.25 -16.96 -9.85
CA PHE A 133 27.02 -17.66 -10.09
C PHE A 133 26.78 -18.55 -8.90
N HIS A 134 25.57 -18.53 -8.37
CA HIS A 134 25.18 -19.38 -7.26
C HIS A 134 23.67 -19.53 -7.22
N THR A 135 23.19 -20.50 -6.41
CA THR A 135 21.78 -20.79 -6.19
C THR A 135 21.39 -20.31 -4.79
N SER A 136 20.45 -19.38 -4.70
CA SER A 136 19.97 -18.87 -3.42
C SER A 136 18.46 -19.14 -3.27
N LEU A 137 17.77 -18.34 -2.44
CA LEU A 137 16.33 -18.44 -2.18
C LEU A 137 15.69 -17.06 -2.26
N ILE A 138 14.43 -17.02 -2.70
CA ILE A 138 13.63 -15.81 -2.67
C ILE A 138 12.51 -16.05 -1.69
N LEU A 139 12.37 -15.14 -0.72
CA LEU A 139 11.28 -15.18 0.28
C LEU A 139 10.47 -13.91 0.07
N GLU A 140 9.48 -13.96 -0.83
CA GLU A 140 8.63 -12.80 -1.14
C GLU A 140 7.94 -12.29 0.11
N GLY A 141 8.14 -11.01 0.41
CA GLY A 141 7.60 -10.34 1.59
C GLY A 141 6.09 -10.33 1.69
N LYS A 142 5.38 -10.23 0.55
CA LYS A 142 3.91 -10.22 0.53
C LYS A 142 3.35 -11.49 1.09
N ASN A 143 3.76 -12.64 0.52
CA ASN A 143 3.31 -13.97 0.93
C ASN A 143 3.79 -14.37 2.33
N TYR A 144 5.06 -14.07 2.66
CA TYR A 144 5.65 -14.38 3.98
C TYR A 144 4.94 -13.64 5.12
N LEU A 145 4.56 -12.37 4.91
CA LEU A 145 3.82 -11.58 5.89
C LEU A 145 2.39 -12.11 6.06
N GLN A 146 1.80 -12.70 5.00
CA GLN A 146 0.46 -13.30 5.05
C GLN A 146 0.55 -14.58 5.88
N TRP A 147 1.59 -15.40 5.58
CA TRP A 147 1.86 -16.68 6.26
C TRP A 147 2.06 -16.45 7.74
N LEU A 148 2.94 -15.51 8.12
CA LEU A 148 3.19 -15.16 9.51
C LEU A 148 1.90 -14.71 10.23
N THR A 149 1.10 -13.81 9.60
CA THR A 149 -0.18 -13.31 10.12
C THR A 149 -1.13 -14.48 10.41
N GLU A 150 -1.30 -15.39 9.42
CA GLU A 150 -2.14 -16.57 9.56
C GLU A 150 -1.62 -17.36 10.77
N ARG A 151 -0.34 -17.75 10.75
CA ARG A 151 0.35 -18.50 11.80
C ARG A 151 0.14 -17.92 13.18
N LEU A 152 0.22 -16.58 13.31
CA LEU A 152 0.01 -15.87 14.58
C LEU A 152 -1.46 -15.82 15.04
N THR A 153 -2.39 -15.58 14.09
CA THR A 153 -3.83 -15.52 14.38
C THR A 153 -4.38 -16.81 14.98
N GLU A 154 -3.93 -17.99 14.52
CA GLU A 154 -4.36 -19.28 15.08
C GLU A 154 -3.66 -19.62 16.40
N ARG A 155 -2.57 -18.95 16.74
CA ARG A 155 -1.89 -19.20 18.03
C ARG A 155 -2.26 -18.17 19.09
N GLY A 156 -3.36 -17.48 18.86
CA GLY A 156 -3.96 -16.52 19.79
C GLY A 156 -3.29 -15.17 19.92
N VAL A 157 -2.74 -14.64 18.81
CA VAL A 157 -2.07 -13.33 18.81
C VAL A 157 -2.95 -12.28 18.16
N LYS A 158 -3.40 -11.32 18.99
CA LYS A 158 -4.27 -10.21 18.62
C LYS A 158 -3.48 -9.14 17.87
N PHE A 159 -4.11 -8.49 16.86
CA PHE A 159 -3.48 -7.44 16.05
C PHE A 159 -4.21 -6.13 16.16
N PHE A 160 -3.47 -5.02 16.31
CA PHE A 160 -4.10 -3.70 16.45
C PHE A 160 -3.44 -2.63 15.59
N GLN A 161 -4.27 -1.75 15.02
CA GLN A 161 -3.83 -0.63 14.20
C GLN A 161 -3.80 0.63 15.05
N ARG A 162 -2.59 1.19 15.24
CA ARG A 162 -2.31 2.41 16.00
C ARG A 162 -0.88 2.87 15.81
N LYS A 163 -0.69 4.18 15.80
CA LYS A 163 0.61 4.81 15.68
C LYS A 163 1.07 5.15 17.08
N VAL A 164 1.98 4.34 17.65
CA VAL A 164 2.55 4.56 18.98
C VAL A 164 3.37 5.87 18.98
N GLU A 165 3.16 6.74 19.98
CA GLU A 165 3.90 8.01 20.06
C GLU A 165 5.06 8.02 21.08
N SER A 166 5.15 6.97 21.93
CA SER A 166 6.19 6.78 22.96
C SER A 166 6.07 5.42 23.64
N PHE A 167 7.21 4.89 24.15
CA PHE A 167 7.29 3.62 24.89
C PHE A 167 6.61 3.73 26.26
N GLU A 168 6.68 4.93 26.88
CA GLU A 168 6.06 5.21 28.18
C GLU A 168 4.54 5.12 28.12
N GLU A 169 3.95 5.47 26.95
CA GLU A 169 2.51 5.42 26.68
C GLU A 169 2.00 3.98 26.62
N VAL A 170 2.81 3.07 26.03
CA VAL A 170 2.45 1.66 25.92
C VAL A 170 2.74 0.88 27.23
N ALA A 171 3.66 1.42 28.06
CA ALA A 171 4.03 0.88 29.38
C ALA A 171 2.93 1.15 30.42
N ARG A 172 2.29 2.32 30.37
CA ARG A 172 1.18 2.66 31.29
C ARG A 172 -0.09 1.91 30.88
N GLU A 173 -0.15 1.43 29.61
CA GLU A 173 -1.28 0.68 29.07
C GLU A 173 -1.35 -0.75 29.65
N GLY A 174 -0.23 -1.29 30.11
CA GLY A 174 -0.18 -2.63 30.72
C GLY A 174 1.04 -3.51 30.47
N ALA A 175 1.54 -3.52 29.22
CA ALA A 175 2.67 -4.34 28.71
C ALA A 175 3.92 -4.39 29.60
N ASP A 176 4.40 -5.62 29.91
CA ASP A 176 5.60 -5.88 30.73
C ASP A 176 6.86 -5.62 29.91
N VAL A 177 7.02 -6.37 28.80
CA VAL A 177 8.15 -6.25 27.87
C VAL A 177 7.66 -5.64 26.55
N ILE A 178 8.41 -4.65 26.03
CA ILE A 178 8.09 -4.00 24.75
C ILE A 178 9.11 -4.43 23.67
N VAL A 179 8.63 -4.96 22.54
CA VAL A 179 9.52 -5.35 21.45
C VAL A 179 9.42 -4.31 20.34
N ASN A 180 10.53 -3.61 20.11
CA ASN A 180 10.59 -2.53 19.16
C ASN A 180 11.10 -2.96 17.78
N CYS A 181 10.14 -3.13 16.85
CA CYS A 181 10.37 -3.57 15.47
C CYS A 181 9.72 -2.60 14.49
N THR A 182 10.02 -1.31 14.69
CA THR A 182 9.51 -0.17 13.93
C THR A 182 10.26 0.09 12.60
N GLY A 183 11.43 -0.51 12.46
CA GLY A 183 12.25 -0.35 11.26
C GLY A 183 12.79 1.05 11.11
N VAL A 184 12.59 1.64 9.91
CA VAL A 184 13.06 2.98 9.55
C VAL A 184 12.49 4.15 10.38
N TRP A 185 11.39 3.89 11.10
CA TRP A 185 10.69 4.89 11.92
C TRP A 185 11.00 4.85 13.41
N ALA A 186 11.90 3.95 13.86
CA ALA A 186 12.31 3.82 15.27
C ALA A 186 12.68 5.15 15.98
N GLY A 187 13.25 6.08 15.21
CA GLY A 187 13.68 7.40 15.66
C GLY A 187 12.60 8.25 16.31
N ALA A 188 11.35 8.13 15.83
CA ALA A 188 10.17 8.82 16.34
C ALA A 188 9.78 8.36 17.76
N LEU A 189 10.23 7.16 18.19
CA LEU A 189 9.93 6.62 19.52
C LEU A 189 11.06 6.88 20.51
N GLN A 190 12.30 6.83 20.03
CA GLN A 190 13.54 7.08 20.77
C GLN A 190 14.54 7.53 19.70
N ARG A 191 15.02 8.77 19.80
CA ARG A 191 15.93 9.38 18.83
C ARG A 191 17.14 8.51 18.56
N ASP A 192 17.42 8.27 17.28
CA ASP A 192 18.57 7.48 16.85
C ASP A 192 19.19 8.13 15.63
N PRO A 193 20.32 8.84 15.83
CA PRO A 193 20.98 9.53 14.71
C PRO A 193 21.61 8.57 13.69
N LEU A 194 21.99 7.37 14.17
CA LEU A 194 22.59 6.29 13.37
C LEU A 194 21.62 5.71 12.35
N LEU A 195 20.31 5.74 12.66
CA LEU A 195 19.27 5.17 11.79
C LEU A 195 18.85 6.20 10.75
N GLN A 196 18.91 5.80 9.47
CA GLN A 196 18.58 6.71 8.36
C GLN A 196 17.81 5.97 7.26
N PRO A 197 16.93 6.67 6.49
CA PRO A 197 16.22 5.99 5.39
C PRO A 197 17.12 5.79 4.19
N GLY A 198 17.10 4.57 3.67
CA GLY A 198 17.87 4.22 2.49
C GLY A 198 16.92 4.03 1.34
N ARG A 199 16.42 5.17 0.81
CA ARG A 199 15.42 5.20 -0.25
C ARG A 199 15.67 4.28 -1.41
N GLY A 200 14.69 3.44 -1.66
CA GLY A 200 14.69 2.51 -2.77
C GLY A 200 13.45 2.67 -3.63
N GLN A 201 13.63 2.58 -4.93
CA GLN A 201 12.55 2.64 -5.89
C GLN A 201 12.69 1.40 -6.75
N ILE A 202 11.58 0.72 -6.98
CA ILE A 202 11.57 -0.50 -7.79
C ILE A 202 10.53 -0.41 -8.89
N MET A 203 10.69 -1.27 -9.87
CA MET A 203 9.83 -1.39 -11.03
C MET A 203 9.43 -2.88 -11.11
N LYS A 204 8.10 -3.18 -11.08
CA LYS A 204 7.52 -4.52 -11.19
C LYS A 204 7.10 -4.77 -12.64
N VAL A 205 7.92 -5.53 -13.38
CA VAL A 205 7.74 -5.80 -14.80
C VAL A 205 7.31 -7.25 -15.09
N ASP A 206 6.45 -7.44 -16.10
CA ASP A 206 5.99 -8.76 -16.50
C ASP A 206 6.98 -9.36 -17.51
N ALA A 207 7.82 -10.29 -17.03
CA ALA A 207 8.84 -10.97 -17.82
C ALA A 207 9.02 -12.40 -17.32
N PRO A 208 8.15 -13.35 -17.75
CA PRO A 208 8.28 -14.72 -17.23
C PRO A 208 9.44 -15.56 -17.76
N TRP A 209 10.04 -15.15 -18.88
CA TRP A 209 11.19 -15.82 -19.51
C TRP A 209 12.47 -15.55 -18.70
N MET A 210 12.39 -14.55 -17.81
CA MET A 210 13.45 -14.14 -16.91
C MET A 210 13.53 -15.15 -15.78
N LYS A 211 14.47 -16.09 -15.89
CA LYS A 211 14.66 -17.18 -14.93
C LYS A 211 15.74 -17.01 -13.87
N HIS A 212 16.61 -16.00 -14.01
CA HIS A 212 17.67 -15.77 -13.03
C HIS A 212 17.66 -14.35 -12.50
N PHE A 213 18.29 -14.17 -11.33
CA PHE A 213 18.50 -12.89 -10.74
C PHE A 213 19.85 -12.42 -11.28
N ILE A 214 20.01 -11.12 -11.55
CA ILE A 214 21.26 -10.54 -12.00
C ILE A 214 21.50 -9.36 -11.08
N LEU A 215 22.59 -9.40 -10.29
CA LEU A 215 22.94 -8.28 -9.43
C LEU A 215 24.23 -7.67 -9.92
N THR A 216 24.28 -6.37 -10.08
CA THR A 216 25.50 -5.70 -10.53
C THR A 216 26.17 -4.94 -9.37
N HIS A 217 27.51 -4.78 -9.41
CA HIS A 217 28.25 -4.10 -8.34
C HIS A 217 29.36 -3.22 -8.87
N ASP A 218 29.50 -2.03 -8.26
CA ASP A 218 30.59 -1.07 -8.51
C ASP A 218 30.84 -0.19 -7.29
N PRO A 219 32.09 -0.12 -6.77
CA PRO A 219 32.35 0.71 -5.57
C PRO A 219 32.19 2.23 -5.82
N GLU A 220 32.11 2.61 -7.12
CA GLU A 220 31.91 3.94 -7.66
C GLU A 220 30.50 4.44 -7.28
N ARG A 221 29.46 3.74 -7.72
CA ARG A 221 28.03 4.18 -7.46
CA ARG A 221 28.09 4.13 -7.46
C ARG A 221 27.66 3.89 -6.03
N GLY A 222 28.22 2.85 -5.43
CA GLY A 222 27.94 2.42 -4.07
C GLY A 222 26.97 1.26 -3.96
N ILE A 223 26.68 0.86 -2.70
CA ILE A 223 25.77 -0.24 -2.39
C ILE A 223 24.32 0.10 -2.76
N TYR A 224 23.61 -0.90 -3.34
CA TYR A 224 22.21 -0.86 -3.81
C TYR A 224 21.93 0.17 -4.92
N ASN A 225 22.95 0.89 -5.40
CA ASN A 225 22.86 1.88 -6.47
C ASN A 225 23.32 1.40 -7.88
N SER A 226 23.25 0.09 -8.12
CA SER A 226 23.66 -0.52 -9.38
C SER A 226 22.53 -1.42 -9.91
N PRO A 227 22.27 -1.47 -11.24
CA PRO A 227 21.15 -2.29 -11.77
C PRO A 227 20.99 -3.71 -11.22
N TYR A 228 19.75 -4.09 -10.92
CA TYR A 228 19.41 -5.43 -10.50
C TYR A 228 18.10 -5.86 -11.07
N ILE A 229 18.00 -7.15 -11.39
CA ILE A 229 16.82 -7.80 -11.93
C ILE A 229 16.58 -9.00 -11.02
N ILE A 230 15.38 -9.10 -10.40
CA ILE A 230 15.06 -10.20 -9.49
C ILE A 230 13.69 -10.84 -9.83
N PRO A 231 13.66 -12.00 -10.52
CA PRO A 231 12.37 -12.63 -10.83
C PRO A 231 11.64 -13.08 -9.57
N GLY A 232 10.33 -12.87 -9.56
CA GLY A 232 9.45 -13.34 -8.50
C GLY A 232 8.43 -14.33 -9.06
N THR A 233 7.50 -14.79 -8.21
CA THR A 233 6.42 -15.68 -8.59
C THR A 233 5.53 -15.06 -9.67
N GLN A 234 5.00 -13.84 -9.44
CA GLN A 234 4.12 -13.24 -10.44
C GLN A 234 4.76 -12.19 -11.36
N THR A 235 5.85 -11.53 -10.93
CA THR A 235 6.58 -10.55 -11.76
C THR A 235 8.08 -10.54 -11.55
N VAL A 236 8.76 -9.62 -12.24
CA VAL A 236 10.19 -9.40 -12.14
C VAL A 236 10.43 -7.99 -11.58
N THR A 237 11.23 -7.91 -10.50
CA THR A 237 11.62 -6.66 -9.84
C THR A 237 12.86 -6.13 -10.53
N LEU A 238 12.76 -4.87 -10.95
CA LEU A 238 13.79 -4.10 -11.63
C LEU A 238 14.15 -2.99 -10.64
N GLY A 239 15.41 -2.97 -10.22
CA GLY A 239 15.87 -1.98 -9.26
C GLY A 239 17.24 -1.42 -9.56
N GLY A 240 17.83 -0.80 -8.54
CA GLY A 240 19.16 -0.17 -8.60
C GLY A 240 19.17 1.29 -8.21
N ILE A 241 18.45 1.65 -7.11
CA ILE A 241 18.33 3.00 -6.56
C ILE A 241 18.48 2.97 -5.03
N PHE A 242 19.38 3.80 -4.52
CA PHE A 242 19.64 3.93 -3.09
C PHE A 242 19.99 5.39 -2.80
N GLN A 243 19.11 6.09 -2.08
CA GLN A 243 19.30 7.48 -1.74
C GLN A 243 19.20 7.65 -0.22
N LEU A 244 20.36 7.81 0.43
CA LEU A 244 20.41 7.94 1.88
C LEU A 244 20.00 9.33 2.36
N GLY A 245 19.11 9.37 3.36
CA GLY A 245 18.57 10.60 3.93
C GLY A 245 17.31 11.08 3.23
N ASN A 246 16.88 10.37 2.18
CA ASN A 246 15.68 10.70 1.40
C ASN A 246 14.44 10.07 2.00
N TRP A 247 13.45 10.91 2.35
CA TRP A 247 12.17 10.51 2.94
C TRP A 247 10.99 10.62 1.96
N SER A 248 11.26 10.84 0.66
CA SER A 248 10.22 10.95 -0.38
C SER A 248 9.60 9.57 -0.70
N GLU A 249 8.37 9.32 -0.19
CA GLU A 249 7.60 8.09 -0.45
C GLU A 249 6.73 8.33 -1.69
N LEU A 250 7.39 8.78 -2.76
CA LEU A 250 6.82 9.17 -4.04
C LEU A 250 7.74 8.65 -5.15
N ASN A 251 7.16 8.01 -6.17
CA ASN A 251 7.97 7.50 -7.27
C ASN A 251 8.46 8.65 -8.15
N ASN A 252 9.78 8.74 -8.32
CA ASN A 252 10.47 9.75 -9.11
C ASN A 252 10.78 9.23 -10.52
N ILE A 253 10.51 10.09 -11.53
CA ILE A 253 10.70 9.80 -12.95
C ILE A 253 12.19 9.57 -13.31
N GLN A 254 13.11 10.41 -12.79
CA GLN A 254 14.55 10.29 -13.04
C GLN A 254 15.08 8.91 -12.60
N ASP A 255 14.58 8.40 -11.47
CA ASP A 255 14.96 7.09 -10.95
C ASP A 255 14.45 5.98 -11.89
N HIS A 256 13.22 6.13 -12.43
CA HIS A 256 12.60 5.21 -13.37
C HIS A 256 13.49 5.03 -14.60
N ASN A 257 13.97 6.14 -15.17
CA ASN A 257 14.86 6.12 -16.34
C ASN A 257 16.19 5.44 -16.03
N THR A 258 16.73 5.66 -14.82
CA THR A 258 17.99 5.09 -14.34
C THR A 258 17.91 3.58 -14.26
N ILE A 259 16.81 3.03 -13.68
CA ILE A 259 16.51 1.61 -13.53
C ILE A 259 16.29 1.00 -14.93
N TRP A 260 15.40 1.63 -15.73
CA TRP A 260 15.07 1.18 -17.07
C TRP A 260 16.28 1.11 -18.00
N GLU A 261 17.05 2.21 -18.13
CA GLU A 261 18.23 2.23 -18.98
C GLU A 261 19.41 1.39 -18.47
N GLY A 262 19.33 0.97 -17.20
CA GLY A 262 20.35 0.14 -16.58
C GLY A 262 20.07 -1.35 -16.75
N CYS A 263 18.80 -1.76 -16.51
CA CYS A 263 18.31 -3.14 -16.61
C CYS A 263 18.24 -3.62 -18.09
N CYS A 264 17.97 -2.70 -19.02
CA CYS A 264 17.92 -2.98 -20.44
C CYS A 264 19.31 -3.14 -21.05
N ARG A 265 20.34 -2.56 -20.42
CA ARG A 265 21.72 -2.74 -20.84
C ARG A 265 22.16 -4.17 -20.43
N LEU A 266 21.61 -4.69 -19.31
CA LEU A 266 21.88 -6.05 -18.84
C LEU A 266 21.09 -6.98 -19.71
N GLU A 267 19.77 -7.01 -19.50
CA GLU A 267 18.84 -7.81 -20.27
C GLU A 267 18.08 -6.96 -21.31
N PRO A 268 18.62 -6.88 -22.56
CA PRO A 268 17.94 -6.09 -23.61
C PRO A 268 16.53 -6.57 -23.96
N THR A 269 16.19 -7.83 -23.61
CA THR A 269 14.86 -8.46 -23.78
C THR A 269 13.78 -7.69 -22.99
N LEU A 270 14.17 -6.99 -21.92
CA LEU A 270 13.29 -6.22 -21.03
C LEU A 270 12.63 -5.02 -21.68
N LYS A 271 13.19 -4.53 -22.81
CA LYS A 271 12.68 -3.37 -23.55
C LYS A 271 11.22 -3.54 -23.96
N ASN A 272 10.84 -4.76 -24.41
CA ASN A 272 9.48 -5.08 -24.80
C ASN A 272 8.77 -5.95 -23.74
N ALA A 273 8.72 -5.42 -22.51
CA ALA A 273 8.08 -6.04 -21.36
C ALA A 273 7.20 -4.99 -20.68
N ARG A 274 5.95 -5.35 -20.38
CA ARG A 274 4.98 -4.45 -19.72
C ARG A 274 5.36 -4.19 -18.25
N ILE A 275 5.00 -3.01 -17.73
CA ILE A 275 5.26 -2.59 -16.35
C ILE A 275 3.94 -2.69 -15.57
N ILE A 276 3.86 -3.61 -14.61
CA ILE A 276 2.64 -3.78 -13.82
C ILE A 276 2.57 -2.76 -12.68
N GLY A 277 3.74 -2.36 -12.14
CA GLY A 277 3.81 -1.38 -11.06
C GLY A 277 5.17 -0.81 -10.75
N GLU A 278 5.18 0.27 -9.95
CA GLU A 278 6.37 0.97 -9.48
C GLU A 278 6.14 1.30 -8.02
N ARG A 279 7.12 1.02 -7.18
CA ARG A 279 6.97 1.26 -5.75
C ARG A 279 8.23 1.81 -5.11
N THR A 280 8.04 2.43 -3.93
CA THR A 280 9.07 3.09 -3.15
C THR A 280 9.05 2.58 -1.71
N GLY A 281 10.25 2.43 -1.15
CA GLY A 281 10.46 1.99 0.21
C GLY A 281 11.70 2.62 0.80
N PHE A 282 11.87 2.51 2.13
CA PHE A 282 13.02 3.05 2.84
C PHE A 282 13.67 1.97 3.66
N ARG A 283 14.91 1.61 3.28
CA ARG A 283 15.68 0.60 3.99
C ARG A 283 16.07 1.17 5.35
N PRO A 284 15.81 0.47 6.47
CA PRO A 284 16.21 1.02 7.79
C PRO A 284 17.73 0.92 7.95
N VAL A 285 18.47 1.87 7.38
CA VAL A 285 19.94 1.86 7.36
C VAL A 285 20.52 2.25 8.71
N ARG A 286 21.32 1.35 9.28
CA ARG A 286 22.03 1.56 10.54
C ARG A 286 23.42 0.90 10.44
N PRO A 287 24.50 1.49 11.02
CA PRO A 287 25.83 0.84 10.92
C PRO A 287 25.82 -0.60 11.40
N GLN A 288 25.10 -0.85 12.51
CA GLN A 288 24.86 -2.18 13.08
C GLN A 288 23.36 -2.30 13.34
N ILE A 289 22.85 -3.54 13.43
CA ILE A 289 21.46 -3.79 13.80
C ILE A 289 21.40 -3.54 15.31
N ARG A 290 20.38 -2.83 15.78
CA ARG A 290 20.25 -2.60 17.21
C ARG A 290 19.41 -3.74 17.77
N LEU A 291 20.05 -4.80 18.28
CA LEU A 291 19.35 -5.95 18.85
C LEU A 291 19.79 -6.10 20.30
N GLU A 292 19.61 -5.01 21.03
CA GLU A 292 20.00 -4.92 22.41
C GLU A 292 18.78 -4.75 23.31
N ARG A 293 18.92 -5.27 24.53
CA ARG A 293 17.97 -5.22 25.62
C ARG A 293 18.23 -3.90 26.33
N GLU A 294 17.16 -3.15 26.62
CA GLU A 294 17.29 -1.85 27.28
C GLU A 294 16.21 -1.64 28.33
N GLN A 295 16.62 -1.48 29.59
CA GLN A 295 15.69 -1.23 30.69
C GLN A 295 15.28 0.24 30.72
N LEU A 296 13.97 0.48 30.51
CA LEU A 296 13.37 1.80 30.45
C LEU A 296 12.89 2.24 31.84
N ARG A 297 13.85 2.50 32.73
CA ARG A 297 13.58 2.96 34.11
C ARG A 297 13.04 4.41 34.10
N THR A 298 13.06 5.04 32.90
CA THR A 298 12.56 6.38 32.58
C THR A 298 11.12 6.24 32.01
N GLY A 299 10.17 6.07 32.91
CA GLY A 299 8.76 5.88 32.59
C GLY A 299 8.07 4.93 33.54
N PRO A 300 6.87 4.40 33.17
CA PRO A 300 6.15 3.49 34.07
C PRO A 300 6.93 2.25 34.50
N SER A 301 7.27 2.19 35.81
CA SER A 301 8.04 1.12 36.48
C SER A 301 9.45 0.92 35.87
N ASN A 302 10.05 -0.26 36.08
CA ASN A 302 11.35 -0.64 35.53
C ASN A 302 11.12 -1.52 34.28
N THR A 303 10.29 -0.99 33.36
CA THR A 303 9.87 -1.66 32.11
C THR A 303 11.03 -2.02 31.19
N GLU A 304 11.04 -3.27 30.70
CA GLU A 304 12.08 -3.78 29.80
C GLU A 304 11.69 -3.58 28.36
N VAL A 305 12.66 -3.13 27.53
CA VAL A 305 12.47 -2.88 26.10
C VAL A 305 13.48 -3.68 25.26
N ILE A 306 12.97 -4.51 24.32
CA ILE A 306 13.81 -5.27 23.39
C ILE A 306 13.84 -4.50 22.07
N HIS A 307 15.01 -3.98 21.71
CA HIS A 307 15.16 -3.27 20.45
C HIS A 307 15.55 -4.28 19.38
N ASN A 308 14.91 -4.18 18.20
CA ASN A 308 15.18 -5.05 17.05
C ASN A 308 14.85 -4.34 15.72
N TYR A 309 15.76 -3.44 15.27
CA TYR A 309 15.60 -2.66 14.03
C TYR A 309 16.96 -2.28 13.43
N GLY A 310 16.94 -1.78 12.20
CA GLY A 310 18.11 -1.32 11.48
C GLY A 310 18.74 -2.35 10.57
N HIS A 311 17.89 -3.19 9.92
CA HIS A 311 18.29 -4.29 9.04
C HIS A 311 18.51 -3.93 7.56
N GLY A 312 18.67 -2.63 7.27
CA GLY A 312 18.90 -2.06 5.94
C GLY A 312 18.24 -2.78 4.78
N GLY A 313 19.05 -3.13 3.79
CA GLY A 313 18.59 -3.83 2.60
C GLY A 313 18.66 -5.34 2.65
N TYR A 314 18.79 -5.92 3.86
CA TYR A 314 18.91 -7.38 4.06
C TYR A 314 17.99 -7.92 5.18
N GLY A 315 16.86 -7.26 5.40
CA GLY A 315 15.89 -7.66 6.41
C GLY A 315 15.35 -9.06 6.27
N LEU A 316 14.95 -9.44 5.04
CA LEU A 316 14.45 -10.79 4.76
C LEU A 316 15.58 -11.84 4.83
N THR A 317 16.81 -11.45 4.47
CA THR A 317 18.00 -12.31 4.53
C THR A 317 18.35 -12.72 5.97
N ILE A 318 18.20 -11.79 6.94
CA ILE A 318 18.62 -11.95 8.33
C ILE A 318 17.54 -12.26 9.38
N HIS A 319 16.30 -11.79 9.17
CA HIS A 319 15.15 -11.90 10.09
C HIS A 319 15.08 -13.02 11.09
N TRP A 320 15.32 -14.28 10.67
CA TRP A 320 15.18 -15.45 11.53
C TRP A 320 16.23 -15.57 12.61
N GLY A 321 17.48 -15.24 12.27
CA GLY A 321 18.59 -15.21 13.21
C GLY A 321 18.38 -14.15 14.29
N CYS A 322 17.74 -13.03 13.91
CA CYS A 322 17.36 -11.90 14.76
C CYS A 322 16.25 -12.31 15.70
N ALA A 323 15.17 -12.88 15.14
CA ALA A 323 13.98 -13.36 15.85
C ALA A 323 14.35 -14.37 16.95
N LEU A 324 15.35 -15.26 16.68
CA LEU A 324 15.86 -16.24 17.63
C LEU A 324 16.63 -15.53 18.74
N GLU A 325 17.47 -14.54 18.36
CA GLU A 325 18.30 -13.74 19.28
C GLU A 325 17.45 -12.88 20.17
N ALA A 326 16.32 -12.36 19.64
CA ALA A 326 15.39 -11.53 20.40
C ALA A 326 14.65 -12.37 21.44
N ALA A 327 14.28 -13.61 21.05
CA ALA A 327 13.63 -14.60 21.91
C ALA A 327 14.55 -14.98 23.08
N LYS A 328 15.88 -15.07 22.81
CA LYS A 328 16.94 -15.35 23.78
C LYS A 328 17.01 -14.20 24.82
N LEU A 329 16.82 -12.94 24.38
CA LEU A 329 16.84 -11.76 25.25
C LEU A 329 15.60 -11.72 26.15
N PHE A 330 14.45 -12.12 25.58
CA PHE A 330 13.15 -12.23 26.26
C PHE A 330 13.27 -13.25 27.42
N GLY A 331 14.05 -14.30 27.21
CA GLY A 331 14.33 -15.34 28.20
C GLY A 331 15.20 -14.85 29.33
N ARG A 332 16.10 -13.89 29.06
CA ARG A 332 17.00 -13.29 30.05
C ARG A 332 16.22 -12.38 31.03
N ILE A 333 15.19 -11.66 30.52
CA ILE A 333 14.30 -10.80 31.31
C ILE A 333 13.47 -11.69 32.23
N LEU A 334 13.01 -12.84 31.67
CA LEU A 334 12.21 -13.86 32.36
C LEU A 334 12.95 -14.51 33.52
N GLU A 335 14.23 -14.91 33.31
CA GLU A 335 15.04 -15.52 34.37
C GLU A 335 15.49 -14.51 35.45
N GLU A 336 15.55 -13.20 35.08
CA GLU A 336 15.93 -12.10 35.97
C GLU A 336 14.68 -11.43 36.60
N LYS A 337 13.56 -12.19 36.73
CA LYS A 337 12.31 -11.66 37.30
C LYS A 337 12.40 -11.44 38.81
N LYS A 338 12.36 -12.54 39.61
CA LYS A 338 12.45 -12.51 41.08
C LYS A 338 12.87 -13.87 41.63
N MET B 1 0.55 33.80 -9.27
CA MET B 1 -0.74 33.13 -9.24
C MET B 1 -0.53 31.62 -9.10
N ARG B 2 -0.06 31.18 -7.92
CA ARG B 2 0.23 29.77 -7.66
C ARG B 2 -0.77 29.09 -6.71
N VAL B 3 -1.17 27.84 -7.03
CA VAL B 3 -2.15 27.05 -6.26
C VAL B 3 -1.51 25.80 -5.68
N VAL B 4 -1.87 25.46 -4.44
CA VAL B 4 -1.39 24.25 -3.77
C VAL B 4 -2.57 23.33 -3.45
N VAL B 5 -2.51 22.08 -3.92
CA VAL B 5 -3.54 21.08 -3.68
C VAL B 5 -3.04 20.14 -2.61
N ILE B 6 -3.81 20.00 -1.52
CA ILE B 6 -3.44 19.14 -0.39
C ILE B 6 -4.25 17.88 -0.45
N GLY B 7 -3.58 16.78 -0.77
CA GLY B 7 -4.18 15.46 -0.93
C GLY B 7 -3.94 14.89 -2.31
N ALA B 8 -3.62 13.58 -2.38
CA ALA B 8 -3.35 12.89 -3.64
C ALA B 8 -4.24 11.69 -3.91
N GLY B 9 -5.53 11.80 -3.57
CA GLY B 9 -6.50 10.74 -3.84
C GLY B 9 -7.21 11.00 -5.14
N VAL B 10 -8.43 10.50 -5.32
CA VAL B 10 -9.17 10.78 -6.55
C VAL B 10 -9.60 12.26 -6.57
N ILE B 11 -10.02 12.77 -5.40
CA ILE B 11 -10.48 14.14 -5.23
C ILE B 11 -9.34 15.15 -5.58
N GLY B 12 -8.23 15.08 -4.85
CA GLY B 12 -7.06 15.95 -5.02
C GLY B 12 -6.52 16.01 -6.43
N LEU B 13 -6.21 14.83 -7.02
CA LEU B 13 -5.66 14.72 -8.36
C LEU B 13 -6.62 15.25 -9.44
N SER B 14 -7.93 14.94 -9.33
CA SER B 14 -8.96 15.39 -10.29
C SER B 14 -9.21 16.91 -10.23
N THR B 15 -9.21 17.48 -9.01
CA THR B 15 -9.39 18.92 -8.75
C THR B 15 -8.23 19.70 -9.39
N ALA B 16 -6.99 19.23 -9.18
CA ALA B 16 -5.74 19.77 -9.71
C ALA B 16 -5.73 19.76 -11.24
N LEU B 17 -6.37 18.74 -11.86
CA LEU B 17 -6.49 18.59 -13.31
C LEU B 17 -7.49 19.60 -13.90
N CYS B 18 -8.63 19.83 -13.20
CA CYS B 18 -9.67 20.77 -13.62
C CYS B 18 -9.18 22.21 -13.57
N ILE B 19 -8.36 22.54 -12.56
CA ILE B 19 -7.76 23.86 -12.40
C ILE B 19 -6.75 24.11 -13.54
N HIS B 20 -6.16 23.08 -14.09
CA HIS B 20 -5.28 23.27 -15.24
C HIS B 20 -5.99 23.21 -16.57
N GLU B 21 -6.85 22.22 -16.73
CA GLU B 21 -7.63 22.07 -17.97
C GLU B 21 -8.43 23.35 -18.31
N ARG B 22 -9.19 23.87 -17.33
CA ARG B 22 -10.03 25.05 -17.49
C ARG B 22 -9.25 26.38 -17.52
N TYR B 23 -8.14 26.47 -16.76
CA TYR B 23 -7.34 27.70 -16.66
C TYR B 23 -5.87 27.44 -17.04
N HIS B 24 -5.61 27.16 -18.34
CA HIS B 24 -4.25 26.89 -18.83
C HIS B 24 -3.57 28.11 -19.46
N SER B 25 -3.96 28.46 -20.71
CA SER B 25 -3.38 29.57 -21.48
C SER B 25 -3.93 30.93 -21.06
N VAL B 26 -5.19 30.98 -20.58
CA VAL B 26 -5.89 32.20 -20.12
C VAL B 26 -5.12 32.89 -18.98
N LEU B 27 -4.54 32.08 -18.08
CA LEU B 27 -3.74 32.51 -16.95
C LEU B 27 -2.30 32.03 -17.19
N GLN B 28 -1.45 32.94 -17.71
CA GLN B 28 -0.05 32.63 -18.02
C GLN B 28 0.82 32.28 -16.79
N PRO B 29 1.01 33.14 -15.74
CA PRO B 29 1.86 32.73 -14.61
C PRO B 29 1.12 31.85 -13.58
N LEU B 30 0.74 30.61 -13.99
CA LEU B 30 0.05 29.64 -13.14
C LEU B 30 0.78 28.29 -13.01
N ASP B 31 1.40 28.09 -11.84
CA ASP B 31 2.09 26.85 -11.50
C ASP B 31 1.41 26.18 -10.31
N ILE B 32 1.13 24.88 -10.40
CA ILE B 32 0.48 24.20 -9.29
C ILE B 32 1.34 23.13 -8.63
N LYS B 33 1.28 23.07 -7.28
CA LYS B 33 2.02 22.09 -6.48
C LYS B 33 1.05 21.13 -5.77
N VAL B 34 1.46 19.87 -5.57
CA VAL B 34 0.64 18.89 -4.87
C VAL B 34 1.35 18.43 -3.59
N TYR B 35 0.72 18.65 -2.42
CA TYR B 35 1.24 18.21 -1.12
C TYR B 35 0.34 17.08 -0.61
N ALA B 36 0.94 15.91 -0.32
CA ALA B 36 0.20 14.73 0.19
C ALA B 36 1.05 13.91 1.11
N ASP B 37 0.40 13.30 2.12
CA ASP B 37 1.07 12.43 3.08
C ASP B 37 1.22 11.03 2.47
N ARG B 38 0.14 10.51 1.83
CA ARG B 38 0.07 9.20 1.17
C ARG B 38 -0.21 9.31 -0.32
N PHE B 39 0.59 8.61 -1.14
CA PHE B 39 0.43 8.55 -2.60
C PHE B 39 0.03 7.13 -2.98
N THR B 40 -0.31 6.92 -4.27
CA THR B 40 -0.69 5.60 -4.79
C THR B 40 0.42 4.55 -4.53
N PRO B 41 0.09 3.35 -4.00
CA PRO B 41 -1.24 2.80 -3.72
C PRO B 41 -1.73 2.88 -2.26
N LEU B 42 -1.27 3.88 -1.47
CA LEU B 42 -1.60 4.02 -0.05
C LEU B 42 -2.91 4.75 0.29
N THR B 43 -3.60 5.32 -0.71
CA THR B 43 -4.84 6.06 -0.52
C THR B 43 -6.09 5.14 -0.50
N THR B 44 -7.24 5.70 -0.08
CA THR B 44 -8.54 5.02 -0.03
C THR B 44 -9.02 4.73 -1.46
N THR B 45 -8.61 5.57 -2.44
CA THR B 45 -8.94 5.45 -3.86
C THR B 45 -8.44 4.10 -4.42
N ASP B 46 -7.26 3.67 -3.97
CA ASP B 46 -6.61 2.41 -4.37
C ASP B 46 -7.33 1.16 -3.85
N VAL B 47 -8.19 1.30 -2.82
CA VAL B 47 -8.98 0.23 -2.16
C VAL B 47 -10.34 0.04 -2.91
N ALA B 48 -10.89 1.15 -3.43
CA ALA B 48 -12.15 1.23 -4.17
C ALA B 48 -12.22 0.32 -5.38
N ALA B 49 -13.42 -0.27 -5.62
CA ALA B 49 -13.71 -1.14 -6.75
C ALA B 49 -13.70 -0.32 -8.04
N GLY B 50 -14.39 0.82 -8.03
CA GLY B 50 -14.48 1.73 -9.16
C GLY B 50 -15.81 1.74 -9.89
N LEU B 51 -16.81 1.02 -9.37
CA LEU B 51 -18.13 0.98 -10.02
C LEU B 51 -18.96 2.25 -9.78
N TRP B 52 -19.39 2.88 -10.90
CA TRP B 52 -20.25 4.06 -10.86
C TRP B 52 -21.63 3.67 -10.35
N GLN B 53 -21.97 4.14 -9.15
CA GLN B 53 -23.26 3.94 -8.49
C GLN B 53 -23.46 4.87 -7.29
N PRO B 54 -24.40 5.85 -7.42
CA PRO B 54 -24.66 6.77 -6.32
C PRO B 54 -25.28 6.12 -5.08
N TYR B 55 -25.26 6.85 -3.96
CA TYR B 55 -25.72 6.50 -2.60
C TYR B 55 -26.85 5.42 -2.55
N LEU B 56 -27.79 5.43 -3.53
CA LEU B 56 -29.14 4.81 -3.57
C LEU B 56 -30.36 5.36 -2.84
N SER B 57 -30.17 6.41 -2.00
CA SER B 57 -31.14 7.36 -1.46
C SER B 57 -30.59 8.78 -1.52
N ASP B 58 -31.47 9.76 -1.79
CA ASP B 58 -31.19 11.19 -1.94
C ASP B 58 -30.52 11.83 -0.69
N PRO B 59 -29.22 12.20 -0.75
CA PRO B 59 -28.56 12.82 0.41
C PRO B 59 -28.96 14.18 0.99
N ASN B 60 -30.09 14.74 0.48
CA ASN B 60 -30.64 16.11 0.56
C ASN B 60 -30.01 17.28 -0.21
N ASN B 61 -28.93 17.03 -0.97
CA ASN B 61 -28.38 17.86 -2.03
C ASN B 61 -28.70 17.30 -3.43
N PRO B 62 -29.53 18.00 -4.24
CA PRO B 62 -29.82 17.51 -5.61
C PRO B 62 -28.62 17.67 -6.56
N GLN B 63 -27.67 18.53 -6.25
CA GLN B 63 -26.53 18.62 -7.17
C GLN B 63 -25.56 17.45 -7.03
N GLU B 64 -25.65 16.71 -5.92
CA GLU B 64 -24.87 15.49 -5.77
C GLU B 64 -25.22 14.52 -6.90
N ALA B 65 -26.52 14.40 -7.22
CA ALA B 65 -27.01 13.58 -8.34
C ALA B 65 -26.50 14.17 -9.65
N ASP B 66 -26.47 15.52 -9.73
CA ASP B 66 -26.00 16.30 -10.86
C ASP B 66 -24.51 16.05 -11.13
N TRP B 67 -23.68 15.94 -10.06
CA TRP B 67 -22.23 15.69 -10.14
C TRP B 67 -21.95 14.26 -10.63
N SER B 68 -22.85 13.32 -10.28
CA SER B 68 -22.78 11.92 -10.67
C SER B 68 -23.00 11.77 -12.20
N GLN B 69 -24.02 12.48 -12.75
CA GLN B 69 -24.34 12.52 -14.18
C GLN B 69 -23.15 13.09 -15.00
N GLN B 70 -22.57 14.20 -14.52
CA GLN B 70 -21.39 14.89 -15.08
C GLN B 70 -20.17 13.96 -15.12
N THR B 71 -19.99 13.13 -14.07
CA THR B 71 -18.89 12.18 -13.99
C THR B 71 -19.11 11.08 -15.02
N PHE B 72 -20.31 10.43 -14.99
CA PHE B 72 -20.66 9.34 -15.90
C PHE B 72 -20.48 9.72 -17.36
N ASP B 73 -20.94 10.91 -17.77
CA ASP B 73 -20.78 11.36 -19.14
C ASP B 73 -19.34 11.66 -19.57
N TYR B 74 -18.52 12.19 -18.66
CA TYR B 74 -17.09 12.46 -18.87
C TYR B 74 -16.37 11.13 -19.16
N LEU B 75 -16.73 10.07 -18.43
CA LEU B 75 -16.16 8.73 -18.57
C LEU B 75 -16.68 8.05 -19.82
N LEU B 76 -17.95 8.31 -20.18
CA LEU B 76 -18.56 7.74 -21.37
C LEU B 76 -17.91 8.22 -22.67
N SER B 77 -17.42 9.47 -22.68
CA SER B 77 -16.72 10.05 -23.82
C SER B 77 -15.27 9.52 -23.90
N HIS B 78 -14.78 8.93 -22.80
CA HIS B 78 -13.43 8.38 -22.68
C HIS B 78 -13.38 6.84 -22.75
N VAL B 79 -14.54 6.15 -22.56
CA VAL B 79 -14.62 4.68 -22.58
C VAL B 79 -14.24 4.08 -23.95
N HIS B 80 -14.55 4.79 -25.04
CA HIS B 80 -14.22 4.36 -26.40
C HIS B 80 -13.00 5.09 -26.98
N SER B 81 -12.34 5.96 -26.17
CA SER B 81 -11.14 6.70 -26.55
C SER B 81 -9.96 5.73 -26.78
N PRO B 82 -8.93 6.07 -27.60
CA PRO B 82 -7.82 5.12 -27.85
C PRO B 82 -7.18 4.49 -26.62
N ASN B 83 -6.75 5.30 -25.64
CA ASN B 83 -6.14 4.81 -24.41
C ASN B 83 -7.09 4.90 -23.22
N ALA B 84 -7.95 3.88 -23.07
CA ALA B 84 -8.92 3.75 -21.99
C ALA B 84 -8.46 2.71 -20.97
N GLU B 85 -7.48 1.87 -21.37
CA GLU B 85 -6.86 0.83 -20.55
C GLU B 85 -5.94 1.45 -19.50
N ASN B 86 -5.34 2.61 -19.83
CA ASN B 86 -4.41 3.36 -18.99
C ASN B 86 -5.06 3.87 -17.70
N LEU B 87 -6.34 4.29 -17.79
CA LEU B 87 -7.09 4.76 -16.62
C LEU B 87 -8.04 3.72 -15.98
N GLY B 88 -8.01 2.49 -16.49
CA GLY B 88 -8.83 1.38 -16.02
C GLY B 88 -10.32 1.59 -16.24
N LEU B 89 -10.68 2.26 -17.36
CA LEU B 89 -12.05 2.59 -17.75
C LEU B 89 -12.61 1.52 -18.69
N PHE B 90 -13.77 0.96 -18.32
CA PHE B 90 -14.49 -0.03 -19.13
C PHE B 90 -15.98 -0.09 -18.78
N LEU B 91 -16.78 -0.47 -19.77
CA LEU B 91 -18.22 -0.66 -19.63
C LEU B 91 -18.45 -1.97 -18.88
N ILE B 92 -19.49 -1.99 -18.01
CA ILE B 92 -19.84 -3.17 -17.22
C ILE B 92 -21.36 -3.24 -16.95
N SER B 93 -21.94 -4.43 -17.12
CA SER B 93 -23.35 -4.73 -16.90
C SER B 93 -23.49 -5.66 -15.70
N GLY B 94 -24.46 -5.38 -14.85
CA GLY B 94 -24.67 -6.18 -13.65
C GLY B 94 -26.03 -6.10 -13.00
N TYR B 95 -26.17 -6.86 -11.91
CA TYR B 95 -27.38 -7.02 -11.12
C TYR B 95 -27.34 -6.23 -9.80
N ASN B 96 -28.49 -5.64 -9.46
CA ASN B 96 -28.74 -4.92 -8.22
C ASN B 96 -29.92 -5.66 -7.57
N LEU B 97 -29.66 -6.52 -6.57
CA LEU B 97 -30.67 -7.37 -5.92
C LEU B 97 -31.21 -6.86 -4.58
N PHE B 98 -32.56 -6.92 -4.42
CA PHE B 98 -33.33 -6.47 -3.25
C PHE B 98 -34.31 -7.57 -2.76
N HIS B 99 -35.00 -7.33 -1.63
CA HIS B 99 -36.00 -8.25 -1.08
C HIS B 99 -37.41 -7.80 -1.49
N GLU B 100 -37.73 -6.51 -1.26
CA GLU B 100 -39.03 -5.92 -1.57
C GLU B 100 -39.02 -5.03 -2.82
N ALA B 101 -40.16 -4.96 -3.53
CA ALA B 101 -40.34 -4.15 -4.75
C ALA B 101 -40.26 -2.64 -4.47
N ILE B 102 -39.01 -2.13 -4.43
CA ILE B 102 -38.68 -0.72 -4.16
C ILE B 102 -38.61 0.15 -5.44
N PRO B 103 -38.88 1.48 -5.35
CA PRO B 103 -38.82 2.33 -6.57
C PRO B 103 -37.49 2.40 -7.31
N ASP B 104 -37.55 2.80 -8.60
CA ASP B 104 -36.41 2.95 -9.50
C ASP B 104 -35.55 4.16 -9.09
N PRO B 105 -34.24 4.23 -9.42
CA PRO B 105 -33.43 5.38 -8.98
C PRO B 105 -33.60 6.64 -9.82
N SER B 106 -32.86 7.71 -9.43
CA SER B 106 -32.84 9.00 -10.13
C SER B 106 -31.96 8.87 -11.37
N TRP B 107 -30.86 8.08 -11.24
CA TRP B 107 -29.87 7.80 -12.29
C TRP B 107 -30.34 6.87 -13.43
N LYS B 108 -31.61 6.43 -13.40
CA LYS B 108 -32.25 5.58 -14.42
C LYS B 108 -31.88 6.07 -15.84
N ASP B 109 -31.94 7.41 -16.05
CA ASP B 109 -31.65 8.14 -17.29
C ASP B 109 -30.14 8.42 -17.52
N THR B 110 -29.29 8.11 -16.52
CA THR B 110 -27.83 8.31 -16.63
C THR B 110 -27.16 7.00 -17.09
N VAL B 111 -27.43 5.87 -16.37
CA VAL B 111 -26.91 4.54 -16.71
C VAL B 111 -27.55 4.04 -18.01
N LEU B 112 -26.87 3.16 -18.71
CA LEU B 112 -27.42 2.70 -19.95
C LEU B 112 -28.38 1.56 -19.72
N GLY B 113 -29.27 1.43 -20.68
CA GLY B 113 -30.32 0.42 -20.74
C GLY B 113 -30.83 -0.10 -19.41
N PHE B 114 -31.28 0.83 -18.53
CA PHE B 114 -31.81 0.48 -17.20
C PHE B 114 -33.10 -0.32 -17.33
N ARG B 115 -33.22 -1.37 -16.53
CA ARG B 115 -34.40 -2.20 -16.50
C ARG B 115 -34.56 -2.91 -15.17
N LYS B 116 -35.70 -3.54 -14.97
CA LYS B 116 -36.06 -4.32 -13.78
C LYS B 116 -35.95 -5.80 -14.14
N LEU B 117 -35.35 -6.63 -13.26
CA LEU B 117 -35.10 -8.06 -13.49
C LEU B 117 -36.33 -8.89 -13.81
N THR B 118 -36.20 -9.81 -14.79
CA THR B 118 -37.26 -10.72 -15.24
C THR B 118 -37.43 -11.89 -14.25
N PRO B 119 -38.62 -12.54 -14.16
CA PRO B 119 -38.78 -13.66 -13.21
C PRO B 119 -37.73 -14.77 -13.34
N ARG B 120 -37.38 -15.17 -14.58
CA ARG B 120 -36.36 -16.22 -14.80
C ARG B 120 -34.94 -15.80 -14.44
N GLU B 121 -34.66 -14.48 -14.46
CA GLU B 121 -33.36 -13.93 -14.05
C GLU B 121 -33.26 -14.03 -12.53
N LEU B 122 -34.33 -13.63 -11.82
CA LEU B 122 -34.45 -13.69 -10.36
C LEU B 122 -34.43 -15.13 -9.81
N ASP B 123 -34.57 -16.12 -10.66
CA ASP B 123 -34.55 -17.47 -10.13
C ASP B 123 -33.17 -17.99 -9.91
N MET B 124 -32.22 -17.47 -10.67
CA MET B 124 -30.80 -17.84 -10.49
C MET B 124 -30.37 -17.63 -9.04
N PHE B 125 -30.76 -16.47 -8.45
CA PHE B 125 -30.47 -16.06 -7.07
C PHE B 125 -31.75 -16.28 -6.22
N PRO B 126 -31.93 -17.44 -5.55
CA PRO B 126 -33.17 -17.67 -4.77
C PRO B 126 -33.30 -16.86 -3.46
N ASP B 127 -32.22 -16.18 -3.04
CA ASP B 127 -32.16 -15.34 -1.84
C ASP B 127 -32.95 -14.06 -1.99
N TYR B 128 -32.89 -13.43 -3.19
CA TYR B 128 -33.52 -12.14 -3.47
C TYR B 128 -34.73 -12.21 -4.42
N GLY B 129 -35.80 -11.49 -4.08
CA GLY B 129 -37.07 -11.48 -4.79
C GLY B 129 -37.36 -10.34 -5.77
N TYR B 130 -36.58 -9.24 -5.72
CA TYR B 130 -36.72 -8.09 -6.60
C TYR B 130 -35.35 -7.52 -6.97
N GLY B 131 -35.27 -6.76 -8.07
CA GLY B 131 -34.01 -6.16 -8.49
C GLY B 131 -33.96 -5.47 -9.84
N TRP B 132 -32.77 -4.91 -10.15
CA TRP B 132 -32.47 -4.22 -11.41
C TRP B 132 -31.31 -4.86 -12.17
N PHE B 133 -31.20 -4.51 -13.47
CA PHE B 133 -30.13 -4.84 -14.39
C PHE B 133 -29.84 -3.59 -15.21
N HIS B 134 -28.56 -3.19 -15.27
CA HIS B 134 -28.12 -2.02 -16.04
C HIS B 134 -26.64 -2.07 -16.42
N THR B 135 -26.27 -1.31 -17.46
CA THR B 135 -24.91 -1.14 -17.92
C THR B 135 -24.40 0.13 -17.24
N SER B 136 -23.25 0.03 -16.59
CA SER B 136 -22.58 1.13 -15.89
C SER B 136 -21.08 1.11 -16.27
N LEU B 137 -20.22 1.70 -15.43
CA LEU B 137 -18.79 1.79 -15.70
C LEU B 137 -17.95 1.48 -14.49
N ILE B 138 -16.70 1.07 -14.75
CA ILE B 138 -15.67 0.87 -13.73
C ILE B 138 -14.50 1.79 -14.07
N LEU B 139 -14.08 2.57 -13.06
CA LEU B 139 -12.92 3.46 -13.12
C LEU B 139 -12.00 2.98 -12.01
N GLU B 140 -11.06 2.08 -12.37
CA GLU B 140 -10.09 1.47 -11.45
C GLU B 140 -9.23 2.54 -10.77
N GLY B 141 -9.51 2.75 -9.48
CA GLY B 141 -8.88 3.75 -8.61
C GLY B 141 -7.38 3.90 -8.73
N LYS B 142 -6.67 2.79 -8.62
CA LYS B 142 -5.25 2.78 -8.84
C LYS B 142 -4.99 3.35 -10.20
N ASN B 143 -5.34 2.58 -11.20
CA ASN B 143 -5.04 2.89 -12.60
C ASN B 143 -5.31 4.34 -12.93
N TYR B 144 -6.45 4.87 -12.40
CA TYR B 144 -6.90 6.24 -12.60
C TYR B 144 -5.89 7.23 -12.05
N LEU B 145 -5.44 7.01 -10.81
CA LEU B 145 -4.44 7.82 -10.10
C LEU B 145 -3.11 7.81 -10.84
N GLN B 146 -2.77 6.66 -11.43
CA GLN B 146 -1.55 6.46 -12.22
C GLN B 146 -1.68 7.24 -13.54
N TRP B 147 -2.92 7.37 -14.06
CA TRP B 147 -3.19 8.12 -15.28
C TRP B 147 -3.26 9.62 -14.97
N LEU B 148 -3.87 9.99 -13.83
CA LEU B 148 -4.00 11.40 -13.40
C LEU B 148 -2.61 12.01 -13.21
N THR B 149 -1.75 11.33 -12.41
CA THR B 149 -0.37 11.72 -12.15
C THR B 149 0.39 12.00 -13.45
N GLU B 150 0.29 11.08 -14.43
CA GLU B 150 0.96 11.16 -15.73
C GLU B 150 0.59 12.39 -16.56
N ARG B 151 -0.71 12.74 -16.61
CA ARG B 151 -1.18 13.94 -17.34
C ARG B 151 -0.74 15.19 -16.61
N LEU B 152 -0.86 15.18 -15.26
CA LEU B 152 -0.44 16.27 -14.39
C LEU B 152 1.08 16.55 -14.51
N THR B 153 1.91 15.48 -14.54
CA THR B 153 3.37 15.56 -14.71
C THR B 153 3.70 16.24 -16.05
N GLU B 154 2.95 15.86 -17.12
CA GLU B 154 3.09 16.42 -18.45
C GLU B 154 2.54 17.84 -18.58
N ARG B 155 1.73 18.28 -17.59
CA ARG B 155 1.17 19.64 -17.57
C ARG B 155 1.97 20.62 -16.70
N GLY B 156 3.03 20.12 -16.06
CA GLY B 156 3.91 20.95 -15.25
C GLY B 156 3.69 20.90 -13.75
N VAL B 157 2.67 20.14 -13.31
CA VAL B 157 2.32 19.99 -11.90
C VAL B 157 3.45 19.20 -11.23
N LYS B 158 4.04 19.80 -10.17
CA LYS B 158 5.15 19.20 -9.42
C LYS B 158 4.60 18.61 -8.13
N PHE B 159 5.06 17.39 -7.78
CA PHE B 159 4.56 16.64 -6.62
C PHE B 159 5.50 16.65 -5.44
N PHE B 160 4.94 16.77 -4.21
CA PHE B 160 5.72 16.83 -2.98
C PHE B 160 5.06 16.04 -1.86
N GLN B 161 5.78 15.02 -1.34
CA GLN B 161 5.32 14.15 -0.27
C GLN B 161 5.56 14.79 1.10
N ARG B 162 4.47 15.26 1.75
CA ARG B 162 4.53 15.88 3.08
C ARG B 162 3.19 15.96 3.78
N LYS B 163 3.23 15.91 5.12
CA LYS B 163 2.03 16.01 5.94
C LYS B 163 1.96 17.40 6.52
N VAL B 164 0.79 18.03 6.39
CA VAL B 164 0.52 19.35 6.95
C VAL B 164 -0.43 19.24 8.12
N GLU B 165 -0.14 19.99 9.20
CA GLU B 165 -0.95 20.00 10.42
C GLU B 165 -1.80 21.29 10.56
N SER B 166 -1.51 22.32 9.74
CA SER B 166 -2.24 23.59 9.74
C SER B 166 -2.16 24.27 8.38
N PHE B 167 -3.31 24.80 7.89
CA PHE B 167 -3.44 25.53 6.62
C PHE B 167 -2.54 26.79 6.54
N GLU B 168 -2.18 27.35 7.70
CA GLU B 168 -1.36 28.56 7.85
C GLU B 168 0.07 28.44 7.31
N GLU B 169 0.70 27.25 7.46
CA GLU B 169 2.08 27.06 7.00
C GLU B 169 2.23 27.00 5.48
N VAL B 170 1.24 26.39 4.79
CA VAL B 170 1.18 26.29 3.33
C VAL B 170 0.96 27.71 2.77
N ALA B 171 0.10 28.50 3.45
CA ALA B 171 -0.25 29.87 3.14
C ALA B 171 0.98 30.78 3.18
N ARG B 172 1.87 30.58 4.17
CA ARG B 172 3.10 31.35 4.37
C ARG B 172 4.15 31.15 3.26
N GLU B 173 4.01 30.05 2.49
CA GLU B 173 4.89 29.70 1.36
C GLU B 173 4.64 30.59 0.12
N GLY B 174 3.58 31.40 0.13
CA GLY B 174 3.25 32.30 -0.96
C GLY B 174 1.92 32.05 -1.64
N ALA B 175 1.46 30.77 -1.64
CA ALA B 175 0.22 30.28 -2.26
C ALA B 175 -0.99 31.19 -2.13
N ASP B 176 -1.63 31.52 -3.27
CA ASP B 176 -2.82 32.36 -3.30
C ASP B 176 -4.00 31.54 -2.80
N VAL B 177 -4.13 30.29 -3.29
CA VAL B 177 -5.22 29.36 -3.00
C VAL B 177 -4.70 27.99 -2.54
N ILE B 178 -5.32 27.44 -1.49
CA ILE B 178 -5.06 26.11 -0.93
C ILE B 178 -6.31 25.23 -1.19
N VAL B 179 -6.11 24.02 -1.77
CA VAL B 179 -7.25 23.12 -2.06
C VAL B 179 -7.22 21.89 -1.16
N ASN B 180 -8.14 21.85 -0.17
CA ASN B 180 -8.25 20.79 0.83
C ASN B 180 -8.97 19.49 0.35
N CYS B 181 -8.18 18.51 -0.13
CA CYS B 181 -8.72 17.24 -0.60
C CYS B 181 -8.15 16.09 0.25
N THR B 182 -8.19 16.32 1.57
CA THR B 182 -7.69 15.49 2.67
C THR B 182 -8.49 14.17 2.97
N GLY B 183 -9.73 14.08 2.51
CA GLY B 183 -10.58 12.91 2.71
C GLY B 183 -11.09 12.71 4.13
N VAL B 184 -10.93 11.48 4.65
CA VAL B 184 -11.37 11.05 5.97
C VAL B 184 -10.49 11.62 7.12
N TRP B 185 -9.25 12.03 6.78
CA TRP B 185 -8.29 12.56 7.76
C TRP B 185 -8.43 14.08 7.98
N ALA B 186 -9.55 14.65 7.51
CA ALA B 186 -9.90 16.08 7.57
C ALA B 186 -10.04 16.65 8.98
N GLY B 187 -10.52 15.84 9.92
CA GLY B 187 -10.72 16.21 11.32
C GLY B 187 -9.49 16.68 12.07
N ALA B 188 -8.27 16.38 11.56
CA ALA B 188 -6.98 16.77 12.15
C ALA B 188 -6.61 18.24 11.88
N LEU B 189 -6.79 18.70 10.62
CA LEU B 189 -6.52 20.09 10.20
C LEU B 189 -7.54 21.06 10.83
N GLN B 190 -8.84 20.80 10.59
CA GLN B 190 -9.98 21.54 11.15
C GLN B 190 -10.97 20.52 11.74
N ARG B 191 -11.28 20.64 13.03
CA ARG B 191 -12.08 19.64 13.69
C ARG B 191 -13.50 19.64 13.21
N ASP B 192 -13.87 18.54 12.59
CA ASP B 192 -15.19 18.30 12.01
C ASP B 192 -15.85 17.05 12.65
N PRO B 193 -16.84 17.23 13.56
CA PRO B 193 -17.47 16.06 14.22
C PRO B 193 -18.36 15.21 13.32
N LEU B 194 -18.93 15.81 12.25
CA LEU B 194 -19.81 15.12 11.29
C LEU B 194 -19.08 14.06 10.46
N LEU B 195 -17.74 14.21 10.29
CA LEU B 195 -16.91 13.27 9.53
C LEU B 195 -16.52 12.08 10.41
N GLN B 196 -16.87 10.88 9.93
CA GLN B 196 -16.62 9.59 10.57
C GLN B 196 -16.09 8.61 9.51
N PRO B 197 -15.18 7.66 9.86
CA PRO B 197 -14.69 6.72 8.84
C PRO B 197 -15.70 5.60 8.53
N GLY B 198 -15.80 5.27 7.24
CA GLY B 198 -16.66 4.20 6.76
C GLY B 198 -15.82 2.97 6.47
N ARG B 199 -15.19 2.43 7.54
CA ARG B 199 -14.29 1.27 7.49
C ARG B 199 -14.86 0.19 6.61
N GLY B 200 -14.06 -0.23 5.65
CA GLY B 200 -14.42 -1.25 4.68
C GLY B 200 -13.26 -2.17 4.38
N GLN B 201 -13.59 -3.45 4.15
CA GLN B 201 -12.68 -4.52 3.78
C GLN B 201 -13.11 -5.05 2.40
N ILE B 202 -12.13 -5.42 1.58
CA ILE B 202 -12.29 -5.96 0.23
C ILE B 202 -11.33 -7.14 0.03
N MET B 203 -11.62 -7.96 -0.98
CA MET B 203 -10.87 -9.13 -1.36
C MET B 203 -10.67 -9.10 -2.87
N LYS B 204 -9.43 -9.31 -3.31
CA LYS B 204 -9.11 -9.35 -4.72
C LYS B 204 -8.91 -10.83 -5.11
N VAL B 205 -10.02 -11.47 -5.50
CA VAL B 205 -10.05 -12.88 -5.87
C VAL B 205 -9.84 -13.03 -7.39
N ASP B 206 -9.57 -14.19 -7.79
CA ASP B 206 -9.36 -14.43 -9.21
C ASP B 206 -10.49 -15.25 -9.80
N ALA B 207 -11.40 -14.61 -10.51
CA ALA B 207 -12.54 -15.22 -11.17
C ALA B 207 -12.74 -14.58 -12.57
N PRO B 208 -11.86 -14.88 -13.56
CA PRO B 208 -12.00 -14.26 -14.88
C PRO B 208 -13.30 -14.57 -15.65
N TRP B 209 -13.99 -15.68 -15.31
CA TRP B 209 -15.27 -16.03 -15.94
C TRP B 209 -16.38 -15.06 -15.48
N MET B 210 -16.23 -14.51 -14.26
CA MET B 210 -17.16 -13.56 -13.67
C MET B 210 -17.10 -12.23 -14.44
N LYS B 211 -18.18 -11.96 -15.21
CA LYS B 211 -18.29 -10.78 -16.07
C LYS B 211 -19.47 -9.84 -15.76
N HIS B 212 -20.15 -10.08 -14.64
CA HIS B 212 -21.28 -9.24 -14.19
C HIS B 212 -21.04 -8.72 -12.78
N PHE B 213 -21.52 -7.50 -12.48
CA PHE B 213 -21.40 -7.01 -11.11
C PHE B 213 -22.64 -7.45 -10.35
N ILE B 214 -22.51 -7.70 -9.04
CA ILE B 214 -23.63 -8.11 -8.18
C ILE B 214 -23.61 -7.26 -6.92
N LEU B 215 -24.63 -6.42 -6.75
CA LEU B 215 -24.77 -5.56 -5.56
C LEU B 215 -26.06 -5.95 -4.87
N THR B 216 -25.97 -6.37 -3.61
CA THR B 216 -27.15 -6.77 -2.84
C THR B 216 -27.53 -5.71 -1.81
N HIS B 217 -28.82 -5.65 -1.44
CA HIS B 217 -29.30 -4.65 -0.48
C HIS B 217 -30.23 -5.26 0.57
N ASP B 218 -30.04 -4.88 1.84
CA ASP B 218 -30.87 -5.29 2.99
C ASP B 218 -30.85 -4.24 4.11
N PRO B 219 -32.03 -3.84 4.63
CA PRO B 219 -32.06 -2.78 5.67
C PRO B 219 -31.53 -3.17 7.06
N GLU B 220 -31.59 -4.47 7.44
CA GLU B 220 -31.12 -4.94 8.75
C GLU B 220 -29.61 -4.81 8.94
N ARG B 221 -28.84 -5.02 7.86
CA ARG B 221 -27.37 -4.91 7.85
C ARG B 221 -26.91 -3.48 7.56
N GLY B 222 -27.65 -2.76 6.71
CA GLY B 222 -27.35 -1.39 6.31
C GLY B 222 -26.56 -1.24 5.03
N ILE B 223 -26.36 0.04 4.62
CA ILE B 223 -25.62 0.48 3.40
C ILE B 223 -24.12 0.15 3.40
N TYR B 224 -23.64 -0.47 2.30
CA TYR B 224 -22.27 -0.97 2.06
C TYR B 224 -21.85 -2.18 2.97
N ASN B 225 -22.75 -2.68 3.84
CA ASN B 225 -22.54 -3.84 4.71
C ASN B 225 -23.18 -5.13 4.17
N SER B 226 -23.57 -5.13 2.88
CA SER B 226 -24.18 -6.27 2.20
C SER B 226 -23.24 -6.84 1.11
N PRO B 227 -23.18 -8.20 0.92
CA PRO B 227 -22.24 -8.78 -0.07
C PRO B 227 -22.28 -8.25 -1.50
N TYR B 228 -21.13 -7.75 -1.99
CA TYR B 228 -20.99 -7.25 -3.35
C TYR B 228 -19.82 -7.88 -4.10
N ILE B 229 -20.05 -8.22 -5.38
CA ILE B 229 -19.07 -8.80 -6.30
C ILE B 229 -18.89 -7.80 -7.44
N ILE B 230 -17.68 -7.21 -7.56
CA ILE B 230 -17.39 -6.24 -8.62
C ILE B 230 -16.17 -6.69 -9.44
N PRO B 231 -16.36 -7.12 -10.70
CA PRO B 231 -15.21 -7.59 -11.48
C PRO B 231 -14.44 -6.51 -12.26
N GLY B 232 -13.20 -6.28 -11.85
CA GLY B 232 -12.30 -5.33 -12.51
C GLY B 232 -11.54 -5.98 -13.66
N THR B 233 -10.50 -5.29 -14.19
CA THR B 233 -9.63 -5.76 -15.30
C THR B 233 -9.03 -7.14 -14.97
N GLN B 234 -8.03 -7.18 -14.06
CA GLN B 234 -7.34 -8.42 -13.68
C GLN B 234 -7.93 -9.12 -12.47
N THR B 235 -8.49 -8.36 -11.54
CA THR B 235 -9.04 -8.90 -10.29
C THR B 235 -10.54 -8.67 -10.14
N VAL B 236 -11.19 -9.52 -9.36
CA VAL B 236 -12.61 -9.39 -9.05
C VAL B 236 -12.70 -8.95 -7.58
N THR B 237 -13.28 -7.75 -7.33
CA THR B 237 -13.46 -7.21 -5.99
C THR B 237 -14.60 -7.95 -5.28
N LEU B 238 -14.34 -8.35 -4.04
CA LEU B 238 -15.29 -9.05 -3.19
C LEU B 238 -15.36 -8.32 -1.85
N GLY B 239 -16.53 -7.81 -1.51
CA GLY B 239 -16.72 -7.07 -0.27
C GLY B 239 -18.12 -7.14 0.31
N GLY B 240 -18.36 -6.28 1.28
CA GLY B 240 -19.64 -6.15 1.98
C GLY B 240 -19.46 -5.81 3.44
N ILE B 241 -18.52 -4.91 3.74
CA ILE B 241 -18.18 -4.46 5.09
C ILE B 241 -18.33 -2.96 5.24
N PHE B 242 -19.01 -2.54 6.32
CA PHE B 242 -19.22 -1.14 6.66
C PHE B 242 -19.36 -0.97 8.17
N GLN B 243 -18.33 -0.40 8.82
CA GLN B 243 -18.34 -0.13 10.25
C GLN B 243 -17.97 1.33 10.52
N LEU B 244 -18.99 2.12 10.90
CA LEU B 244 -18.85 3.54 11.21
C LEU B 244 -18.21 3.71 12.58
N GLY B 245 -17.08 4.42 12.61
CA GLY B 245 -16.33 4.68 13.83
C GLY B 245 -15.13 3.79 14.07
N ASN B 246 -14.86 2.83 13.14
CA ASN B 246 -13.71 1.92 13.24
C ASN B 246 -12.55 2.53 12.47
N TRP B 247 -11.45 2.82 13.19
CA TRP B 247 -10.23 3.42 12.65
C TRP B 247 -9.12 2.38 12.43
N SER B 248 -9.44 1.09 12.64
CA SER B 248 -8.47 0.02 12.48
C SER B 248 -8.22 -0.35 11.00
N GLU B 249 -7.08 0.12 10.46
CA GLU B 249 -6.58 -0.13 9.11
C GLU B 249 -5.76 -1.43 9.17
N LEU B 250 -6.48 -2.55 9.29
CA LEU B 250 -5.95 -3.90 9.41
C LEU B 250 -7.02 -4.88 8.96
N ASN B 251 -6.62 -5.85 8.14
CA ASN B 251 -7.54 -6.89 7.69
C ASN B 251 -7.63 -7.94 8.79
N ASN B 252 -8.85 -8.24 9.23
CA ASN B 252 -9.08 -9.20 10.32
C ASN B 252 -9.82 -10.47 9.88
N ILE B 253 -9.68 -11.56 10.68
CA ILE B 253 -10.28 -12.89 10.44
C ILE B 253 -11.82 -12.90 10.28
N GLN B 254 -12.57 -12.27 11.21
CA GLN B 254 -14.04 -12.24 11.17
C GLN B 254 -14.68 -11.49 10.00
N ASP B 255 -14.05 -10.39 9.54
CA ASP B 255 -14.53 -9.59 8.40
C ASP B 255 -14.27 -10.30 7.06
N HIS B 256 -13.25 -11.17 7.02
CA HIS B 256 -12.87 -11.98 5.87
C HIS B 256 -13.92 -13.09 5.62
N ASN B 257 -14.39 -13.76 6.70
CA ASN B 257 -15.39 -14.83 6.64
C ASN B 257 -16.72 -14.31 6.11
N THR B 258 -17.14 -13.12 6.59
CA THR B 258 -18.39 -12.44 6.23
C THR B 258 -18.47 -12.16 4.72
N ILE B 259 -17.34 -11.73 4.11
CA ILE B 259 -17.25 -11.44 2.67
C ILE B 259 -17.30 -12.74 1.87
N TRP B 260 -16.45 -13.72 2.25
CA TRP B 260 -16.34 -15.01 1.58
C TRP B 260 -17.66 -15.75 1.56
N GLU B 261 -18.11 -16.26 2.74
CA GLU B 261 -19.36 -17.00 2.92
C GLU B 261 -20.63 -16.21 2.51
N GLY B 262 -20.49 -14.90 2.31
CA GLY B 262 -21.55 -14.02 1.86
C GLY B 262 -21.63 -13.95 0.35
N CYS B 263 -20.45 -13.96 -0.33
CA CYS B 263 -20.33 -13.92 -1.79
C CYS B 263 -20.40 -15.32 -2.41
N CYS B 264 -19.94 -16.34 -1.66
CA CYS B 264 -19.98 -17.76 -2.04
C CYS B 264 -21.42 -18.28 -2.04
N ARG B 265 -22.35 -17.52 -1.41
CA ARG B 265 -23.78 -17.82 -1.35
C ARG B 265 -24.45 -17.21 -2.59
N LEU B 266 -24.07 -15.95 -2.98
CA LEU B 266 -24.59 -15.26 -4.17
C LEU B 266 -24.07 -15.99 -5.41
N GLU B 267 -22.74 -16.16 -5.50
CA GLU B 267 -22.12 -16.88 -6.60
C GLU B 267 -21.40 -18.14 -6.09
N PRO B 268 -22.04 -19.33 -6.23
CA PRO B 268 -21.41 -20.59 -5.74
C PRO B 268 -20.14 -20.99 -6.50
N THR B 269 -19.91 -20.39 -7.69
CA THR B 269 -18.73 -20.64 -8.52
C THR B 269 -17.47 -20.05 -7.87
N LEU B 270 -17.64 -19.03 -6.99
CA LEU B 270 -16.56 -18.36 -6.29
C LEU B 270 -15.86 -19.26 -5.27
N LYS B 271 -16.52 -20.36 -4.86
CA LYS B 271 -16.00 -21.34 -3.89
C LYS B 271 -14.67 -22.01 -4.30
N ASN B 272 -14.12 -21.66 -5.48
CA ASN B 272 -12.88 -22.23 -6.00
C ASN B 272 -11.91 -21.17 -6.53
N ALA B 273 -12.35 -19.90 -6.56
CA ALA B 273 -11.55 -18.77 -7.02
C ALA B 273 -10.46 -18.43 -6.01
N ARG B 274 -9.21 -18.42 -6.47
CA ARG B 274 -8.03 -18.17 -5.64
C ARG B 274 -7.88 -16.70 -5.26
N ILE B 275 -7.71 -16.42 -3.95
CA ILE B 275 -7.54 -15.06 -3.43
C ILE B 275 -6.12 -14.54 -3.73
N ILE B 276 -6.02 -13.27 -4.16
CA ILE B 276 -4.80 -12.57 -4.55
C ILE B 276 -4.47 -11.39 -3.61
N GLY B 277 -5.49 -10.60 -3.26
CA GLY B 277 -5.35 -9.44 -2.39
C GLY B 277 -6.48 -9.27 -1.39
N GLU B 278 -6.24 -8.48 -0.35
CA GLU B 278 -7.18 -8.17 0.72
C GLU B 278 -6.77 -6.83 1.32
N ARG B 279 -7.64 -5.81 1.23
CA ARG B 279 -7.29 -4.49 1.75
C ARG B 279 -8.38 -3.80 2.58
N THR B 280 -7.96 -2.85 3.45
CA THR B 280 -8.82 -2.05 4.32
C THR B 280 -8.75 -0.56 3.89
N GLY B 281 -9.92 0.03 3.64
CA GLY B 281 -10.05 1.43 3.25
C GLY B 281 -11.07 2.18 4.09
N PHE B 282 -10.91 3.52 4.22
CA PHE B 282 -11.85 4.33 5.00
C PHE B 282 -12.66 5.26 4.12
N ARG B 283 -13.96 4.97 4.00
CA ARG B 283 -14.93 5.78 3.25
C ARG B 283 -15.14 7.09 4.03
N PRO B 284 -14.85 8.30 3.47
CA PRO B 284 -15.08 9.53 4.25
C PRO B 284 -16.58 9.81 4.41
N VAL B 285 -17.20 9.28 5.48
CA VAL B 285 -18.65 9.39 5.74
C VAL B 285 -19.08 10.74 6.36
N ARG B 286 -19.99 11.43 5.65
CA ARG B 286 -20.58 12.72 6.05
C ARG B 286 -22.03 12.83 5.53
N PRO B 287 -22.95 13.57 6.23
CA PRO B 287 -24.34 13.70 5.73
C PRO B 287 -24.41 14.41 4.38
N GLN B 288 -23.40 15.25 4.09
CA GLN B 288 -23.21 16.01 2.87
C GLN B 288 -21.71 16.30 2.69
N ILE B 289 -21.25 16.33 1.42
CA ILE B 289 -19.86 16.63 1.03
C ILE B 289 -19.48 18.04 1.51
N ARG B 290 -18.28 18.20 2.10
CA ARG B 290 -17.84 19.51 2.56
C ARG B 290 -16.96 20.21 1.52
N LEU B 291 -17.61 20.65 0.43
CA LEU B 291 -17.01 21.40 -0.68
C LEU B 291 -17.51 22.84 -0.49
N GLU B 292 -16.64 23.70 0.10
CA GLU B 292 -16.92 25.10 0.49
C GLU B 292 -15.70 26.01 0.40
N ARG B 293 -15.94 27.32 0.15
CA ARG B 293 -14.90 28.35 0.15
C ARG B 293 -14.85 28.92 1.56
N GLU B 294 -13.70 28.74 2.24
CA GLU B 294 -13.52 29.22 3.61
C GLU B 294 -12.50 30.34 3.67
N GLN B 295 -12.75 31.31 4.57
CA GLN B 295 -11.85 32.43 4.79
C GLN B 295 -11.34 32.38 6.22
N LEU B 296 -10.01 32.24 6.37
CA LEU B 296 -9.36 32.23 7.67
C LEU B 296 -8.31 33.34 7.69
N ARG B 297 -8.59 34.40 8.47
CA ARG B 297 -7.76 35.60 8.63
C ARG B 297 -6.34 35.34 9.15
N THR B 298 -5.35 36.10 8.62
CA THR B 298 -3.93 36.01 8.97
C THR B 298 -3.16 37.35 8.75
N GLY B 299 -3.82 38.46 9.10
CA GLY B 299 -3.29 39.82 8.99
C GLY B 299 -3.59 40.48 7.65
N PRO B 300 -2.61 41.17 7.01
CA PRO B 300 -2.89 41.78 5.70
C PRO B 300 -2.89 40.80 4.52
N SER B 301 -2.23 39.62 4.67
CA SER B 301 -2.16 38.58 3.64
C SER B 301 -3.45 37.76 3.60
N ASN B 302 -4.21 37.87 2.48
CA ASN B 302 -5.47 37.18 2.27
C ASN B 302 -5.25 35.80 1.65
N THR B 303 -5.63 34.74 2.37
CA THR B 303 -5.52 33.35 1.89
C THR B 303 -6.87 32.65 2.01
N GLU B 304 -7.35 32.12 0.87
CA GLU B 304 -8.62 31.40 0.79
C GLU B 304 -8.40 29.90 0.59
N VAL B 305 -9.26 29.09 1.24
CA VAL B 305 -9.20 27.63 1.18
C VAL B 305 -10.44 27.06 0.51
N ILE B 306 -10.23 26.27 -0.55
CA ILE B 306 -11.32 25.58 -1.23
C ILE B 306 -11.29 24.16 -0.67
N HIS B 307 -12.33 23.79 0.09
CA HIS B 307 -12.47 22.46 0.69
C HIS B 307 -13.09 21.52 -0.31
N ASN B 308 -12.83 20.20 -0.19
CA ASN B 308 -13.35 19.13 -1.05
C ASN B 308 -13.13 17.77 -0.39
N TYR B 309 -14.01 17.38 0.56
CA TYR B 309 -13.92 16.11 1.29
C TYR B 309 -15.27 15.57 1.77
N GLY B 310 -15.26 14.32 2.27
CA GLY B 310 -16.44 13.65 2.79
C GLY B 310 -17.32 13.06 1.72
N HIS B 311 -16.70 12.33 0.76
CA HIS B 311 -17.39 11.72 -0.38
C HIS B 311 -17.96 10.32 -0.15
N GLY B 312 -17.67 9.73 1.01
CA GLY B 312 -18.17 8.42 1.43
C GLY B 312 -17.71 7.25 0.57
N GLY B 313 -18.63 6.31 0.34
CA GLY B 313 -18.36 5.13 -0.48
C GLY B 313 -18.69 5.33 -1.95
N TYR B 314 -18.84 6.60 -2.38
CA TYR B 314 -19.19 6.95 -3.75
C TYR B 314 -18.32 8.09 -4.32
N GLY B 315 -17.11 8.24 -3.77
CA GLY B 315 -16.13 9.24 -4.18
C GLY B 315 -15.72 9.22 -5.64
N LEU B 316 -15.51 8.02 -6.21
CA LEU B 316 -15.15 7.87 -7.62
C LEU B 316 -16.33 8.17 -8.53
N THR B 317 -17.56 7.84 -8.07
CA THR B 317 -18.81 8.06 -8.80
C THR B 317 -19.11 9.55 -8.98
N ILE B 318 -18.70 10.38 -8.00
CA ILE B 318 -18.96 11.81 -7.93
C ILE B 318 -17.80 12.74 -8.36
N HIS B 319 -16.54 12.32 -8.14
CA HIS B 319 -15.30 13.07 -8.39
C HIS B 319 -15.28 14.21 -9.41
N TRP B 320 -15.65 13.92 -10.68
CA TRP B 320 -15.61 14.91 -11.77
C TRP B 320 -16.57 16.10 -11.63
N GLY B 321 -17.66 15.90 -10.91
CA GLY B 321 -18.61 16.97 -10.62
C GLY B 321 -18.03 17.89 -9.58
N CYS B 322 -17.49 17.31 -8.48
CA CYS B 322 -16.88 18.03 -7.37
C CYS B 322 -15.66 18.82 -7.82
N ALA B 323 -14.84 18.22 -8.70
CA ALA B 323 -13.62 18.82 -9.25
C ALA B 323 -13.97 20.00 -10.17
N LEU B 324 -15.07 19.90 -10.96
CA LEU B 324 -15.52 20.98 -11.84
C LEU B 324 -16.13 22.11 -11.02
N GLU B 325 -16.68 21.78 -9.83
CA GLU B 325 -17.28 22.73 -8.89
C GLU B 325 -16.18 23.43 -8.08
N ALA B 326 -15.12 22.69 -7.70
CA ALA B 326 -13.97 23.25 -6.99
C ALA B 326 -13.26 24.21 -7.95
N ALA B 327 -13.14 23.85 -9.24
CA ALA B 327 -12.55 24.70 -10.28
C ALA B 327 -13.46 25.91 -10.57
N LYS B 328 -14.79 25.74 -10.43
CA LYS B 328 -15.80 26.79 -10.60
C LYS B 328 -15.64 27.78 -9.46
N LEU B 329 -15.39 27.27 -8.23
CA LEU B 329 -15.12 28.04 -7.02
C LEU B 329 -13.78 28.80 -7.12
N PHE B 330 -12.84 28.26 -7.93
CA PHE B 330 -11.54 28.86 -8.22
C PHE B 330 -11.73 30.00 -9.26
N GLY B 331 -12.84 29.95 -10.00
CA GLY B 331 -13.21 30.97 -10.97
C GLY B 331 -13.74 32.22 -10.28
N ARG B 332 -14.54 32.04 -9.22
CA ARG B 332 -15.09 33.15 -8.43
C ARG B 332 -14.03 33.67 -7.44
N ILE B 333 -12.89 32.95 -7.32
CA ILE B 333 -11.74 33.30 -6.49
C ILE B 333 -11.01 34.51 -7.08
N LEU B 334 -10.79 34.52 -8.41
CA LEU B 334 -10.15 35.65 -9.12
C LEU B 334 -11.14 36.83 -9.25
N GLU B 335 -12.46 36.53 -9.23
CA GLU B 335 -13.57 37.48 -9.34
C GLU B 335 -13.59 38.46 -8.15
N GLU B 336 -13.34 37.96 -6.93
CA GLU B 336 -13.33 38.76 -5.70
C GLU B 336 -11.95 39.38 -5.44
N LYS B 337 -10.88 38.55 -5.45
CA LYS B 337 -9.49 38.94 -5.21
C LYS B 337 -8.96 39.88 -6.29
N LYS B 338 -8.37 41.03 -5.88
CA LYS B 338 -7.80 42.05 -6.75
C LYS B 338 -6.54 42.66 -6.13
PA FAD C . 9.03 -2.67 7.89
O1A FAD C . 8.71 -3.70 6.88
O2A FAD C . 8.83 -1.25 7.44
O5B FAD C . 7.87 -2.75 8.99
C5B FAD C . 7.89 -1.84 10.07
C4B FAD C . 6.63 -1.96 10.88
O4B FAD C . 6.93 -0.90 11.81
C3B FAD C . 5.34 -1.45 10.18
O3B FAD C . 4.26 -2.31 10.52
C2B FAD C . 5.18 0.04 10.60
O2B FAD C . 3.92 0.46 10.92
C1B FAD C . 5.78 -0.03 11.94
N9A FAD C . 5.96 1.17 12.74
C8A FAD C . 6.90 2.13 12.69
N7A FAD C . 6.67 3.09 13.67
C5A FAD C . 5.55 2.72 14.31
C6A FAD C . 4.77 3.23 15.39
N6A FAD C . 5.07 4.34 16.09
N1A FAD C . 3.65 2.53 15.78
C2A FAD C . 3.22 1.36 15.19
N3A FAD C . 3.96 0.86 14.15
C4A FAD C . 5.12 1.49 13.70
N1 FAD C . 15.97 -7.41 2.04
C2 FAD C . 16.42 -8.65 1.57
O2 FAD C . 16.88 -9.51 2.36
N3 FAD C . 16.37 -8.96 0.20
C4 FAD C . 15.87 -8.08 -0.72
O4 FAD C . 15.83 -8.43 -1.92
C4X FAD C . 15.44 -6.81 -0.28
N5 FAD C . 14.96 -5.88 -1.20
C5X FAD C . 14.58 -4.61 -0.90
C6 FAD C . 14.16 -3.69 -1.92
C7 FAD C . 13.74 -2.33 -1.55
C7M FAD C . 13.32 -1.38 -2.60
C8 FAD C . 13.74 -1.95 -0.18
C8M FAD C . 13.33 -0.59 0.37
C9 FAD C . 14.17 -2.86 0.78
C9A FAD C . 14.60 -4.21 0.48
N10 FAD C . 15.06 -5.17 1.50
C10 FAD C . 15.49 -6.48 1.13
C1' FAD C . 15.13 -4.74 2.91
C2' FAD C . 13.99 -5.25 3.68
O2' FAD C . 12.82 -4.69 3.05
C3' FAD C . 14.01 -4.74 5.12
O3' FAD C . 15.26 -4.71 5.79
C4' FAD C . 12.92 -5.28 6.02
O4' FAD C . 11.65 -5.39 5.28
C5' FAD C . 12.77 -4.22 7.12
O5' FAD C . 11.55 -4.46 7.80
P FAD C . 11.11 -4.13 9.27
O1P FAD C . 12.27 -3.73 10.11
O2P FAD C . 10.33 -5.34 9.46
O3P FAD C . 10.36 -2.77 8.80
C1 SS8 D . 18.04 -3.32 -1.79
O2 SS8 D . 17.77 -2.95 -0.63
O3 SS8 D . 18.08 -2.55 -2.77
C4 SS8 D . 18.31 -4.74 -1.98
N5 SS8 D . 19.04 -5.46 -1.08
C6 SS8 D . 19.01 -6.71 -1.64
C7 SS8 D . 18.36 -6.74 -2.78
C8 SS8 D . 17.85 -5.51 -3.09
O9 SS8 D . 18.36 -8.03 -3.36
C10 SS8 D . 19.16 -8.86 -2.38
C11 SS8 D . 19.58 -8.02 -1.33
C12 SS8 D . 20.36 -8.16 -0.06
C13 SS8 D . 21.81 -7.59 -0.04
C14 SS8 D . 22.56 -7.07 -1.33
C15 SS8 D . 21.92 -6.20 -2.32
C16 SS8 D . 22.54 -5.73 -3.50
C17 SS8 D . 23.90 -6.13 -3.69
C18 SS8 D . 24.61 -6.98 -2.75
C19 SS8 D . 23.96 -7.45 -1.59
PA FAD E . -8.15 9.43 -0.55
O1A FAD E . -8.02 8.70 -1.83
O2A FAD E . -7.74 8.68 0.68
O5B FAD E . -7.21 10.75 -0.58
C5B FAD E . -6.76 11.37 0.64
C4B FAD E . -5.40 12.04 0.41
O4B FAD E . -5.31 13.08 1.39
C3B FAD E . -4.18 11.17 0.68
O3B FAD E . -3.20 11.56 -0.28
C2B FAD E . -3.84 11.50 2.15
O2B FAD E . -2.55 11.34 2.64
C1B FAD E . -4.04 12.96 2.08
N9A FAD E . -3.96 13.63 3.36
C8A FAD E . -4.76 13.44 4.42
N7A FAD E . -4.38 14.27 5.48
C5A FAD E . -3.35 14.96 5.05
C6A FAD E . -2.54 15.92 5.65
N6A FAD E . -2.76 16.33 6.92
N1A FAD E . -1.52 16.46 4.90
C2A FAD E . -1.26 16.06 3.59
N3A FAD E . -2.04 15.12 2.98
C4A FAD E . -3.08 14.55 3.70
N1 FAD E . -16.31 4.97 -4.55
C2 FAD E . -16.96 4.74 -5.76
O2 FAD E . -17.40 5.69 -6.40
N3 FAD E . -17.14 3.46 -6.32
C4 FAD E . -16.71 2.36 -5.63
O4 FAD E . -16.93 1.24 -6.19
C4X FAD E . -16.07 2.53 -4.35
N5 FAD E . -15.64 1.44 -3.60
C5X FAD E . -15.08 1.51 -2.36
C6 FAD E . -14.72 0.31 -1.65
C7 FAD E . -14.16 0.39 -0.33
C7M FAD E . -13.81 -0.84 0.42
C8 FAD E . -13.90 1.66 0.24
C8M FAD E . -13.28 1.80 1.59
C9 FAD E . -14.21 2.84 -0.47
C9A FAD E . -14.84 2.82 -1.78
N10 FAD E . -15.24 4.03 -2.54
C10 FAD E . -15.88 3.89 -3.83
C1' FAD E . -15.04 5.37 -1.96
C2' FAD E . -13.86 6.09 -2.56
O2' FAD E . -12.70 5.29 -2.21
C3' FAD E . -13.62 7.42 -1.83
O3' FAD E . -14.75 8.24 -1.46
C4' FAD E . -12.55 8.27 -2.43
O4' FAD E . -11.39 7.51 -2.88
C5' FAD E . -12.09 9.17 -1.32
O5' FAD E . -11.13 9.99 -1.94
P FAD E . -10.34 11.09 -1.19
O1P FAD E . -11.34 11.83 -0.40
O2P FAD E . -9.57 11.61 -2.35
O3P FAD E . -9.56 10.13 -0.19
#